data_1GGM
#
_entry.id   1GGM
#
_cell.length_a   122.500
_cell.length_b   250.100
_cell.length_c   106.000
_cell.angle_alpha   90.00
_cell.angle_beta   90.00
_cell.angle_gamma   90.00
#
_symmetry.space_group_name_H-M   'C 2 2 21'
#
loop_
_entity.id
_entity.type
_entity.pdbx_description
1 polymer 'Glycine--tRNA ligase'
2 non-polymer "GLYCYL-ADENOSINE-5'-PHOSPHATE"
3 water water
#
_entity_poly.entity_id   1
_entity_poly.type   'polypeptide(L)'
_entity_poly.pdbx_seq_one_letter_code
;AASSLDELVALCKRRGFIFQSSEIYGGLQGVYDYGPLGVELKNNLKQAWWRRNVYERDDMEGLDASVLTHRLVLHYSGHE
ATFADPMVDNAKARYWTPPRYFNMMFQDLRGPRGGRGLLAYLRPETAQGIFVNFKNVLDATSRKLGFGIAQIGKAFRNEI
TPRNFIFRVREFEQMEIEYFVRPGEDEYWHRYWVEERLKWWQEMGLSRENLVPYQQPPESSAHYAKATVDILYRFPHGSL
ELEGIAQRTDFDLGSHTKDQEALGITARVLRNEHSTQRLAYRDPETGKWFVPYVIEPSAGVDRGVLALLAEAFTREELPN
GEERIVLKLKPQLAPIKVAVIPLVKNRPEITEYAKRLKARLLALGLGRVLYEDTGNIGKAYRRHDEVGTPFAVTVDYDTI
GQSKDGTTRLKDTVTVRDRDTMEQIRLHVDELEGFLRERLRW
;
_entity_poly.pdbx_strand_id   A,B
#
# COMPACT_ATOMS: atom_id res chain seq x y z
N ALA A 1 -16.95 -2.14 23.56
CA ALA A 1 -17.03 -1.16 22.47
C ALA A 1 -17.15 0.36 22.87
N ALA A 2 -16.65 1.25 22.00
CA ALA A 2 -16.66 2.69 22.25
C ALA A 2 -18.02 3.29 22.04
N SER A 3 -18.33 4.25 22.90
CA SER A 3 -19.62 4.93 22.92
C SER A 3 -19.67 6.17 22.09
N SER A 4 -18.64 6.95 22.23
CA SER A 4 -18.64 8.18 21.51
C SER A 4 -17.56 8.22 20.50
N LEU A 5 -17.96 8.61 19.30
CA LEU A 5 -17.01 8.74 18.24
C LEU A 5 -15.97 9.70 18.83
N ASP A 6 -16.42 10.68 19.59
CA ASP A 6 -15.51 11.67 20.14
C ASP A 6 -14.27 11.06 20.79
N GLU A 7 -14.47 10.09 21.68
CA GLU A 7 -13.36 9.42 22.35
C GLU A 7 -12.42 8.87 21.28
N LEU A 8 -13.02 8.17 20.33
CA LEU A 8 -12.29 7.57 19.22
C LEU A 8 -11.43 8.61 18.56
N VAL A 9 -12.05 9.73 18.21
CA VAL A 9 -11.37 10.85 17.59
C VAL A 9 -10.21 11.33 18.46
N ALA A 10 -10.44 11.40 19.76
CA ALA A 10 -9.40 11.83 20.69
C ALA A 10 -8.22 10.84 21.01
N LEU A 11 -8.50 9.55 21.11
CA LEU A 11 -7.44 8.56 21.34
C LEU A 11 -6.61 8.53 20.06
N CYS A 12 -7.27 8.58 18.91
CA CYS A 12 -6.61 8.58 17.61
C CYS A 12 -5.55 9.67 17.48
N LYS A 13 -5.88 10.88 17.91
CA LYS A 13 -4.92 12.01 17.86
C LYS A 13 -3.85 11.84 18.93
N ARG A 14 -4.29 11.64 20.16
CA ARG A 14 -3.41 11.45 21.31
C ARG A 14 -2.41 10.28 21.20
N ARG A 15 -2.59 9.38 20.27
CA ARG A 15 -1.67 8.24 20.13
C ARG A 15 -0.97 8.18 18.78
N GLY A 16 -1.36 9.06 17.87
CA GLY A 16 -0.73 9.08 16.57
C GLY A 16 -1.33 8.10 15.58
N PHE A 17 -2.63 7.85 15.73
CA PHE A 17 -3.32 6.95 14.83
C PHE A 17 -3.69 7.76 13.61
N ILE A 18 -4.58 8.71 13.81
CA ILE A 18 -4.98 9.59 12.72
C ILE A 18 -4.86 11.02 13.22
N PHE A 19 -4.28 11.86 12.36
CA PHE A 19 -4.10 13.26 12.65
C PHE A 19 -4.94 13.93 11.60
N GLN A 20 -5.35 15.16 11.87
CA GLN A 20 -6.14 15.90 10.92
C GLN A 20 -5.22 16.32 9.79
N SER A 21 -5.58 16.01 8.55
CA SER A 21 -4.71 16.39 7.46
C SER A 21 -4.51 17.90 7.39
N SER A 22 -3.30 18.31 7.02
CA SER A 22 -2.89 19.71 6.91
C SER A 22 -3.28 20.57 8.10
N GLU A 23 -3.21 20.00 9.31
CA GLU A 23 -3.60 20.70 10.52
C GLU A 23 -2.98 22.08 10.76
N ILE A 24 -1.67 22.17 10.67
CA ILE A 24 -0.99 23.42 10.95
C ILE A 24 -1.50 24.63 10.16
N TYR A 25 -1.99 24.44 8.94
CA TYR A 25 -2.49 25.57 8.14
C TYR A 25 -3.99 25.71 8.14
N GLY A 26 -4.65 25.12 9.15
CA GLY A 26 -6.10 25.20 9.26
C GLY A 26 -6.89 23.92 8.97
N GLY A 27 -6.25 23.00 8.27
CA GLY A 27 -6.90 21.74 7.94
C GLY A 27 -7.80 21.78 6.71
N LEU A 28 -7.69 20.70 5.95
CA LEU A 28 -8.47 20.48 4.76
C LEU A 28 -9.56 19.53 5.21
N GLN A 29 -10.68 20.09 5.63
CA GLN A 29 -11.83 19.31 6.14
C GLN A 29 -12.25 18.19 5.20
N GLY A 30 -12.35 16.97 5.73
CA GLY A 30 -12.74 15.87 4.87
C GLY A 30 -11.57 15.06 4.37
N VAL A 31 -10.36 15.40 4.81
CA VAL A 31 -9.16 14.67 4.42
C VAL A 31 -8.29 14.52 5.67
N TYR A 32 -7.87 13.29 5.98
CA TYR A 32 -7.06 13.03 7.19
C TYR A 32 -5.74 12.42 6.88
N ASP A 33 -4.88 12.37 7.90
CA ASP A 33 -3.56 11.74 7.78
C ASP A 33 -3.48 10.59 8.77
N TYR A 34 -2.86 9.50 8.37
CA TYR A 34 -2.72 8.39 9.25
C TYR A 34 -1.37 8.54 9.90
N GLY A 35 -1.34 8.75 11.20
CA GLY A 35 -0.06 8.83 11.89
C GLY A 35 0.54 7.44 12.07
N PRO A 36 1.64 7.34 12.84
CA PRO A 36 2.34 6.08 13.11
C PRO A 36 1.50 4.85 13.35
N LEU A 37 0.76 4.79 14.45
CA LEU A 37 -0.02 3.59 14.76
C LEU A 37 -1.16 3.38 13.80
N GLY A 38 -1.62 4.48 13.21
CA GLY A 38 -2.70 4.40 12.25
C GLY A 38 -2.23 3.56 11.09
N VAL A 39 -1.15 4.00 10.45
CA VAL A 39 -0.59 3.30 9.29
C VAL A 39 -0.53 1.80 9.51
N GLU A 40 0.21 1.39 10.53
CA GLU A 40 0.36 -0.01 10.84
C GLU A 40 -1.00 -0.75 10.84
N LEU A 41 -1.95 -0.23 11.61
CA LEU A 41 -3.28 -0.83 11.70
C LEU A 41 -3.88 -0.98 10.29
N LYS A 42 -3.86 0.12 9.54
CA LYS A 42 -4.38 0.16 8.19
C LYS A 42 -3.73 -0.88 7.28
N ASN A 43 -2.41 -0.92 7.31
CA ASN A 43 -1.67 -1.83 6.46
C ASN A 43 -2.06 -3.23 6.81
N ASN A 44 -2.09 -3.53 8.09
CA ASN A 44 -2.44 -4.86 8.55
C ASN A 44 -3.81 -5.27 8.05
N LEU A 45 -4.73 -4.32 8.00
CA LEU A 45 -6.05 -4.66 7.53
C LEU A 45 -5.95 -4.96 6.05
N LYS A 46 -5.31 -4.06 5.31
CA LYS A 46 -5.16 -4.24 3.88
C LYS A 46 -4.56 -5.60 3.59
N GLN A 47 -3.42 -5.91 4.21
CA GLN A 47 -2.73 -7.17 3.97
C GLN A 47 -3.54 -8.46 4.17
N ALA A 48 -4.22 -8.55 5.30
CA ALA A 48 -5.02 -9.73 5.64
C ALA A 48 -6.12 -9.93 4.62
N TRP A 49 -6.62 -8.82 4.10
CA TRP A 49 -7.66 -8.84 3.10
C TRP A 49 -7.08 -9.40 1.80
N TRP A 50 -5.85 -9.05 1.50
CA TRP A 50 -5.20 -9.51 0.27
C TRP A 50 -4.82 -10.96 0.41
N ARG A 51 -4.32 -11.33 1.57
CA ARG A 51 -3.94 -12.72 1.84
C ARG A 51 -5.19 -13.61 1.65
N ARG A 52 -6.29 -13.24 2.32
CA ARG A 52 -7.55 -13.97 2.21
C ARG A 52 -8.09 -13.99 0.79
N ASN A 53 -8.41 -12.83 0.22
CA ASN A 53 -8.99 -12.81 -1.10
C ASN A 53 -8.14 -13.01 -2.33
N VAL A 54 -6.82 -13.16 -2.17
CA VAL A 54 -5.96 -13.38 -3.33
C VAL A 54 -5.06 -14.60 -3.22
N TYR A 55 -4.25 -14.65 -2.17
CA TYR A 55 -3.31 -15.75 -1.99
C TYR A 55 -3.96 -17.07 -1.69
N GLU A 56 -4.90 -17.04 -0.75
CA GLU A 56 -5.61 -18.22 -0.31
C GLU A 56 -6.64 -18.66 -1.33
N ARG A 57 -7.02 -17.75 -2.23
CA ARG A 57 -7.98 -18.13 -3.26
C ARG A 57 -7.25 -18.74 -4.44
N ASP A 58 -7.99 -19.18 -5.45
CA ASP A 58 -7.35 -19.76 -6.62
C ASP A 58 -8.07 -19.38 -7.89
N ASP A 59 -8.77 -18.25 -7.88
CA ASP A 59 -9.51 -17.82 -9.05
C ASP A 59 -9.51 -16.32 -9.08
N MET A 60 -8.56 -15.71 -8.44
CA MET A 60 -8.51 -14.26 -8.41
C MET A 60 -7.18 -13.73 -8.80
N GLU A 61 -7.18 -12.65 -9.57
CA GLU A 61 -5.92 -12.05 -9.96
C GLU A 61 -5.95 -10.65 -9.32
N GLY A 62 -4.79 -10.12 -8.96
CA GLY A 62 -4.79 -8.79 -8.35
C GLY A 62 -4.55 -7.68 -9.34
N LEU A 63 -4.73 -6.44 -8.91
CA LEU A 63 -4.47 -5.34 -9.80
C LEU A 63 -4.20 -4.13 -8.98
N ASP A 64 -3.65 -3.11 -9.63
CA ASP A 64 -3.38 -1.80 -9.04
C ASP A 64 -3.29 -0.77 -10.14
N ALA A 65 -4.42 -0.19 -10.48
CA ALA A 65 -4.51 0.83 -11.50
C ALA A 65 -4.25 2.17 -10.84
N SER A 66 -4.08 3.20 -11.68
CA SER A 66 -3.79 4.55 -11.20
C SER A 66 -4.97 5.36 -10.75
N VAL A 67 -4.71 6.45 -10.04
CA VAL A 67 -5.78 7.30 -9.57
C VAL A 67 -6.26 8.16 -10.70
N LEU A 68 -5.37 8.56 -11.60
CA LEU A 68 -5.79 9.41 -12.74
C LEU A 68 -6.61 8.65 -13.78
N THR A 69 -7.82 9.11 -14.03
CA THR A 69 -8.69 8.46 -15.00
C THR A 69 -9.01 9.32 -16.21
N HIS A 70 -8.82 8.75 -17.39
CA HIS A 70 -9.13 9.50 -18.61
C HIS A 70 -10.61 9.84 -18.66
N ARG A 71 -10.89 11.10 -18.99
CA ARG A 71 -12.24 11.63 -19.03
C ARG A 71 -13.28 10.65 -19.54
N LEU A 72 -12.95 9.93 -20.59
CA LEU A 72 -13.91 9.01 -21.15
C LEU A 72 -14.38 7.92 -20.21
N VAL A 73 -13.44 7.31 -19.50
CA VAL A 73 -13.75 6.20 -18.60
C VAL A 73 -14.94 6.45 -17.68
N LEU A 74 -14.89 7.55 -16.97
CA LEU A 74 -15.97 7.86 -16.08
C LEU A 74 -17.20 8.39 -16.82
N HIS A 75 -17.05 8.68 -18.11
CA HIS A 75 -18.18 9.16 -18.90
C HIS A 75 -19.08 8.00 -19.29
N TYR A 76 -18.48 6.96 -19.87
CA TYR A 76 -19.18 5.75 -20.30
C TYR A 76 -19.67 4.91 -19.09
N SER A 77 -19.10 5.08 -17.91
CA SER A 77 -19.59 4.34 -16.74
C SER A 77 -20.78 5.09 -16.22
N GLY A 78 -20.97 6.27 -16.81
CA GLY A 78 -22.05 7.13 -16.44
C GLY A 78 -21.71 7.87 -15.17
N HIS A 79 -20.43 7.87 -14.78
CA HIS A 79 -20.00 8.55 -13.56
C HIS A 79 -20.03 10.07 -13.73
N GLU A 80 -19.58 10.47 -14.92
CA GLU A 80 -19.53 11.86 -15.34
C GLU A 80 -20.98 12.35 -15.35
N ALA A 81 -21.83 11.54 -15.98
CA ALA A 81 -23.27 11.79 -16.16
C ALA A 81 -24.21 11.70 -14.95
N THR A 82 -23.97 10.75 -14.06
CA THR A 82 -24.86 10.55 -12.93
C THR A 82 -24.30 10.56 -11.48
N PHE A 83 -23.03 10.20 -11.31
CA PHE A 83 -22.43 10.17 -9.98
C PHE A 83 -22.46 11.59 -9.41
N ALA A 84 -23.55 11.94 -8.71
CA ALA A 84 -23.70 13.30 -8.20
C ALA A 84 -24.86 13.50 -7.21
N ASP A 85 -24.75 14.54 -6.38
CA ASP A 85 -25.71 14.86 -5.32
C ASP A 85 -26.50 16.17 -5.39
N PRO A 86 -27.82 16.12 -5.14
CA PRO A 86 -28.75 17.25 -5.15
C PRO A 86 -28.39 18.31 -4.14
N MET A 87 -27.69 19.32 -4.64
CA MET A 87 -27.19 20.43 -3.85
C MET A 87 -28.10 21.70 -3.82
N VAL A 88 -28.09 22.41 -2.70
CA VAL A 88 -28.82 23.68 -2.50
C VAL A 88 -28.09 24.47 -1.42
N ASP A 89 -28.12 25.79 -1.53
CA ASP A 89 -27.43 26.67 -0.57
C ASP A 89 -28.42 27.68 -0.05
N ASN A 90 -28.12 28.27 1.10
CA ASN A 90 -29.00 29.23 1.74
C ASN A 90 -28.56 30.70 1.71
N ALA A 91 -27.98 31.15 2.83
CA ALA A 91 -27.45 32.51 3.00
C ALA A 91 -26.09 32.33 3.69
N LYS A 92 -25.69 31.05 3.69
CA LYS A 92 -24.45 30.60 4.25
C LYS A 92 -23.94 29.43 3.39
N ALA A 93 -24.47 28.21 3.62
CA ALA A 93 -24.00 27.01 2.91
C ALA A 93 -24.92 26.14 2.05
N ARG A 94 -24.26 25.13 1.44
CA ARG A 94 -24.88 24.12 0.58
C ARG A 94 -25.15 22.93 1.48
N TYR A 95 -26.16 22.11 1.14
CA TYR A 95 -26.48 20.93 1.94
C TYR A 95 -27.02 19.78 1.07
N TRP A 96 -31.80 30.58 -0.34
CA TRP A 96 -31.89 29.23 -0.92
C TRP A 96 -32.04 29.23 -2.45
N THR A 97 -30.93 29.22 -3.17
CA THR A 97 -31.02 29.21 -4.63
C THR A 97 -31.71 27.94 -5.05
N PRO A 98 -32.07 27.87 -6.33
CA PRO A 98 -32.74 26.65 -6.78
C PRO A 98 -31.78 25.44 -6.59
N PRO A 99 -32.32 24.26 -6.25
CA PRO A 99 -31.33 23.20 -6.10
C PRO A 99 -30.78 22.74 -7.45
N ARG A 100 -29.79 21.89 -7.41
CA ARG A 100 -29.17 21.37 -8.62
C ARG A 100 -28.41 20.13 -8.21
N TYR A 101 -28.10 19.27 -9.16
CA TYR A 101 -27.33 18.10 -8.82
C TYR A 101 -25.85 18.54 -8.79
N PHE A 102 -25.13 18.22 -7.73
CA PHE A 102 -23.73 18.58 -7.67
C PHE A 102 -22.85 17.36 -7.86
N ASN A 103 -22.16 17.27 -8.99
CA ASN A 103 -21.30 16.12 -9.26
C ASN A 103 -20.15 16.17 -8.28
N MET A 104 -19.79 14.98 -7.82
CA MET A 104 -18.76 14.80 -6.81
C MET A 104 -17.37 14.31 -7.20
N MET A 105 -17.12 14.01 -8.46
CA MET A 105 -15.79 13.54 -8.80
C MET A 105 -14.81 14.71 -8.93
N PHE A 106 -13.64 14.60 -8.32
CA PHE A 106 -12.66 15.67 -8.44
C PHE A 106 -12.13 15.81 -9.90
N GLN A 107 -11.76 17.02 -10.29
CA GLN A 107 -11.30 17.24 -11.65
C GLN A 107 -9.89 17.83 -11.73
N ASP A 108 -9.13 17.43 -12.73
CA ASP A 108 -7.77 17.92 -12.92
C ASP A 108 -7.43 17.96 -14.42
N LEU A 109 -6.42 18.73 -14.83
CA LEU A 109 -6.07 18.86 -16.26
C LEU A 109 -4.68 18.40 -16.64
N ARG A 110 -4.56 17.80 -17.82
CA ARG A 110 -3.30 17.24 -18.30
C ARG A 110 -2.29 18.18 -18.90
N GLY A 111 -1.55 18.87 -18.05
CA GLY A 111 -0.52 19.76 -18.54
C GLY A 111 -0.98 21.03 -19.22
N PRO A 112 -0.11 21.68 -20.03
CA PRO A 112 -0.30 22.92 -20.79
C PRO A 112 -1.33 23.90 -20.19
N ARG A 113 -2.59 23.73 -20.60
CA ARG A 113 -3.67 24.59 -20.12
C ARG A 113 -4.97 23.87 -19.77
N GLY A 114 -5.86 24.58 -19.10
CA GLY A 114 -7.14 24.00 -18.70
C GLY A 114 -8.17 23.79 -19.80
N GLY A 115 -7.86 22.91 -20.75
CA GLY A 115 -8.80 22.64 -21.83
C GLY A 115 -9.58 21.36 -21.60
N ARG A 116 -10.83 21.32 -22.06
CA ARG A 116 -11.69 20.14 -21.91
C ARG A 116 -10.99 18.97 -22.56
N GLY A 117 -10.08 19.28 -23.50
CA GLY A 117 -9.31 18.27 -24.20
C GLY A 117 -8.45 17.49 -23.21
N LEU A 118 -7.71 18.20 -22.36
CA LEU A 118 -6.87 17.54 -21.37
C LEU A 118 -7.42 17.63 -19.95
N LEU A 119 -8.51 16.89 -19.76
CA LEU A 119 -9.26 16.77 -18.51
C LEU A 119 -9.17 15.32 -18.02
N ALA A 120 -9.11 15.17 -16.70
CA ALA A 120 -9.07 13.85 -16.10
C ALA A 120 -9.63 13.98 -14.72
N TYR A 121 -10.30 12.94 -14.30
CA TYR A 121 -10.91 12.91 -12.99
C TYR A 121 -10.08 12.00 -12.08
N LEU A 122 -10.25 12.15 -10.78
CA LEU A 122 -9.55 11.28 -9.86
C LEU A 122 -10.65 10.23 -9.65
N ARG A 123 -10.33 8.95 -9.82
CA ARG A 123 -11.31 7.87 -9.66
C ARG A 123 -12.15 7.93 -8.36
N PRO A 124 -13.48 8.02 -8.50
CA PRO A 124 -14.36 8.10 -7.34
C PRO A 124 -14.44 6.73 -6.67
N GLU A 125 -13.91 5.73 -7.35
CA GLU A 125 -13.91 4.38 -6.84
C GLU A 125 -12.86 3.64 -7.66
N THR A 126 -12.25 2.61 -7.06
CA THR A 126 -11.21 1.84 -7.76
C THR A 126 -11.79 0.98 -8.87
N ALA A 127 -13.01 0.46 -8.66
CA ALA A 127 -13.71 -0.42 -9.60
C ALA A 127 -13.46 -0.25 -11.11
N GLN A 128 -13.59 0.98 -11.63
CA GLN A 128 -13.42 1.22 -13.07
C GLN A 128 -12.17 0.62 -13.67
N GLY A 129 -11.03 0.91 -13.04
CA GLY A 129 -9.74 0.42 -13.47
C GLY A 129 -9.68 -1.07 -13.73
N ILE A 130 -10.57 -1.83 -13.08
CA ILE A 130 -10.61 -3.27 -13.29
C ILE A 130 -11.37 -3.58 -14.57
N PHE A 131 -12.57 -3.00 -14.74
CA PHE A 131 -13.34 -3.27 -15.95
C PHE A 131 -12.62 -2.97 -17.21
N VAL A 132 -12.10 -1.74 -17.31
CA VAL A 132 -11.34 -1.30 -18.47
C VAL A 132 -10.08 -2.15 -18.74
N ASN A 133 -9.53 -2.78 -17.70
CA ASN A 133 -8.36 -3.63 -17.89
C ASN A 133 -8.75 -5.12 -18.02
N PHE A 134 -10.06 -5.39 -18.04
CA PHE A 134 -10.58 -6.74 -18.15
C PHE A 134 -9.83 -7.60 -19.18
N LYS A 135 -9.81 -7.18 -20.44
CA LYS A 135 -9.14 -7.94 -21.52
C LYS A 135 -7.65 -8.10 -21.27
N ASN A 136 -7.03 -7.01 -20.90
CA ASN A 136 -5.63 -7.02 -20.65
C ASN A 136 -5.29 -8.07 -19.62
N VAL A 137 -6.02 -8.11 -18.52
CA VAL A 137 -5.73 -9.13 -17.51
C VAL A 137 -6.01 -10.51 -18.09
N LEU A 138 -7.16 -10.66 -18.71
CA LEU A 138 -7.56 -11.94 -19.28
C LEU A 138 -6.53 -12.51 -20.21
N ASP A 139 -5.95 -11.64 -21.03
CA ASP A 139 -4.93 -12.04 -21.97
C ASP A 139 -3.67 -12.56 -21.25
N ALA A 140 -3.08 -11.75 -20.37
CA ALA A 140 -1.85 -12.10 -19.66
C ALA A 140 -1.98 -13.27 -18.68
N THR A 141 -3.21 -13.56 -18.28
CA THR A 141 -3.46 -14.64 -17.34
C THR A 141 -4.06 -15.86 -18.04
N SER A 142 -5.07 -15.61 -18.85
CA SER A 142 -5.79 -16.65 -19.59
C SER A 142 -6.67 -17.45 -18.64
N ARG A 143 -7.44 -16.71 -17.86
CA ARG A 143 -8.36 -17.27 -16.89
C ARG A 143 -9.68 -17.80 -17.48
N LYS A 144 -10.21 -18.87 -16.86
CA LYS A 144 -11.49 -19.43 -17.26
C LYS A 144 -12.52 -18.65 -16.45
N LEU A 145 -13.79 -18.76 -16.80
CA LEU A 145 -14.76 -17.95 -16.13
C LEU A 145 -14.98 -17.80 -14.63
N GLY A 146 -15.43 -18.77 -13.84
CA GLY A 146 -15.60 -18.46 -12.43
C GLY A 146 -14.29 -17.80 -11.99
N PHE A 147 -14.18 -16.47 -11.99
CA PHE A 147 -12.92 -15.77 -11.62
C PHE A 147 -13.09 -14.27 -11.45
N GLY A 148 -12.25 -13.67 -10.58
CA GLY A 148 -12.31 -12.24 -10.33
C GLY A 148 -11.00 -11.54 -10.11
N ILE A 149 -10.93 -10.27 -10.47
CA ILE A 149 -9.73 -9.45 -10.30
C ILE A 149 -10.00 -8.55 -9.08
N ALA A 150 -9.00 -8.34 -8.21
CA ALA A 150 -9.21 -7.49 -7.03
C ALA A 150 -8.07 -6.57 -6.68
N GLN A 151 -8.41 -5.36 -6.23
CA GLN A 151 -7.40 -4.36 -5.84
C GLN A 151 -7.80 -3.46 -4.69
N ILE A 152 -6.79 -2.89 -4.07
CA ILE A 152 -7.02 -1.96 -2.98
C ILE A 152 -6.55 -0.68 -3.60
N GLY A 153 -7.12 0.45 -3.22
CA GLY A 153 -6.72 1.68 -3.86
C GLY A 153 -7.36 2.96 -3.37
N LYS A 154 -6.81 4.09 -3.83
CA LYS A 154 -7.31 5.41 -3.44
C LYS A 154 -8.55 5.75 -4.22
N ALA A 155 -9.37 6.58 -3.64
CA ALA A 155 -10.58 6.96 -4.28
C ALA A 155 -10.86 8.31 -3.72
N PHE A 156 -11.20 9.24 -4.59
CA PHE A 156 -11.48 10.58 -4.15
C PHE A 156 -12.90 10.93 -4.54
N ARG A 157 -13.58 11.63 -3.63
CA ARG A 157 -14.97 12.07 -3.78
C ARG A 157 -15.14 13.42 -3.11
N ASN A 158 -15.57 14.40 -3.88
CA ASN A 158 -15.79 15.78 -3.43
C ASN A 158 -17.01 15.94 -2.50
N GLU A 159 -17.30 14.89 -1.74
CA GLU A 159 -18.42 14.84 -0.80
C GLU A 159 -18.78 16.18 -0.21
N ILE A 160 -19.93 16.68 -0.60
CA ILE A 160 -20.40 17.97 -0.14
C ILE A 160 -20.28 18.20 1.35
N THR A 161 -20.76 17.27 2.14
CA THR A 161 -20.63 17.44 3.58
C THR A 161 -20.03 16.20 4.21
N PRO A 162 -18.73 16.26 4.61
CA PRO A 162 -17.96 15.18 5.27
C PRO A 162 -18.52 15.05 6.66
N ARG A 163 -18.93 13.85 7.06
CA ARG A 163 -19.56 13.71 8.34
C ARG A 163 -18.76 13.25 9.52
N ASN A 164 -18.52 11.97 9.62
CA ASN A 164 -17.84 11.55 10.81
C ASN A 164 -16.37 11.55 10.81
N PHE A 165 -15.80 11.00 11.87
CA PHE A 165 -14.34 10.93 12.01
C PHE A 165 -13.79 10.32 10.72
N ILE A 166 -13.19 9.15 10.76
CA ILE A 166 -12.68 8.52 9.53
C ILE A 166 -13.84 8.02 8.60
N PHE A 167 -15.09 8.31 9.00
CA PHE A 167 -16.32 7.90 8.31
C PHE A 167 -16.71 8.36 6.88
N ARG A 168 -17.21 9.60 6.69
CA ARG A 168 -17.59 10.11 5.35
C ARG A 168 -16.55 11.13 4.87
N VAL A 169 -15.57 10.71 4.06
CA VAL A 169 -14.53 11.64 3.61
C VAL A 169 -14.25 11.76 2.15
N ARG A 170 -13.53 12.82 1.81
CA ARG A 170 -13.18 13.14 0.44
C ARG A 170 -12.02 12.36 -0.18
N GLU A 171 -11.18 11.78 0.66
CA GLU A 171 -10.09 10.95 0.15
C GLU A 171 -10.01 9.70 1.00
N PHE A 172 -10.09 8.55 0.36
CA PHE A 172 -10.04 7.27 1.06
C PHE A 172 -9.56 6.13 0.14
N GLU A 173 -9.46 4.93 0.70
CA GLU A 173 -9.06 3.76 -0.05
C GLU A 173 -10.09 2.70 0.13
N GLN A 174 -10.23 1.93 -0.92
CA GLN A 174 -11.19 0.87 -0.92
C GLN A 174 -10.52 -0.42 -1.30
N MET A 175 -11.07 -1.51 -0.81
CA MET A 175 -10.57 -2.82 -1.14
C MET A 175 -11.71 -3.37 -1.97
N GLU A 176 -11.54 -3.44 -3.28
CA GLU A 176 -12.61 -3.92 -4.13
C GLU A 176 -12.34 -5.24 -4.86
N ILE A 177 -13.40 -5.96 -5.20
CA ILE A 177 -13.31 -7.21 -5.93
C ILE A 177 -14.33 -7.14 -7.08
N GLU A 178 -14.02 -7.74 -8.21
CA GLU A 178 -14.97 -7.74 -9.34
C GLU A 178 -15.03 -9.20 -9.78
N TYR A 179 -15.92 -9.97 -9.15
CA TYR A 179 -16.01 -11.38 -9.48
C TYR A 179 -16.77 -11.52 -10.77
N PHE A 180 -16.05 -11.88 -11.83
CA PHE A 180 -16.66 -12.07 -13.14
C PHE A 180 -17.37 -13.39 -13.21
N VAL A 181 -18.55 -13.40 -13.78
CA VAL A 181 -19.27 -14.63 -13.76
C VAL A 181 -20.26 -14.83 -14.90
N ARG A 182 -20.54 -16.09 -15.19
CA ARG A 182 -21.47 -16.46 -16.24
C ARG A 182 -22.85 -15.98 -15.85
N PRO A 183 -23.51 -15.26 -16.75
CA PRO A 183 -24.84 -14.67 -16.62
C PRO A 183 -25.83 -15.38 -15.72
N GLY A 184 -26.01 -16.67 -15.87
CA GLY A 184 -26.98 -17.34 -14.99
C GLY A 184 -26.70 -17.52 -13.49
N GLU A 185 -25.45 -17.81 -13.15
CA GLU A 185 -25.05 -18.02 -11.79
C GLU A 185 -24.98 -16.77 -10.91
N ASP A 186 -25.15 -15.56 -11.45
CA ASP A 186 -25.04 -14.34 -10.65
C ASP A 186 -25.76 -14.31 -9.29
N GLU A 187 -26.92 -14.94 -9.22
CA GLU A 187 -27.67 -14.98 -7.99
C GLU A 187 -26.87 -15.69 -6.91
N TYR A 188 -26.38 -16.89 -7.20
CA TYR A 188 -25.59 -17.63 -6.23
C TYR A 188 -24.37 -16.84 -5.78
N TRP A 189 -23.57 -16.43 -6.73
CA TRP A 189 -22.38 -15.69 -6.46
C TRP A 189 -22.64 -14.52 -5.56
N HIS A 190 -23.69 -13.78 -5.81
CA HIS A 190 -23.94 -12.64 -4.97
C HIS A 190 -24.08 -13.10 -3.54
N ARG A 191 -24.76 -14.21 -3.33
CA ARG A 191 -25.00 -14.72 -1.97
C ARG A 191 -23.70 -15.14 -1.33
N TYR A 192 -22.99 -16.00 -2.05
CA TYR A 192 -21.70 -16.49 -1.66
C TYR A 192 -20.85 -15.33 -1.12
N TRP A 193 -20.60 -14.33 -1.96
CA TRP A 193 -19.80 -13.19 -1.56
C TRP A 193 -20.24 -12.41 -0.37
N VAL A 194 -21.54 -12.27 -0.18
CA VAL A 194 -22.04 -11.54 0.97
C VAL A 194 -21.68 -12.32 2.21
N GLU A 195 -21.93 -13.64 2.17
CA GLU A 195 -21.64 -14.54 3.29
C GLU A 195 -20.15 -14.59 3.61
N GLU A 196 -19.34 -14.55 2.57
CA GLU A 196 -17.90 -14.59 2.73
C GLU A 196 -17.46 -13.33 3.44
N ARG A 197 -17.73 -12.19 2.83
CA ARG A 197 -17.35 -10.92 3.40
C ARG A 197 -17.85 -10.76 4.80
N LEU A 198 -18.97 -11.38 5.11
CA LEU A 198 -19.46 -11.25 6.46
C LEU A 198 -18.61 -12.15 7.33
N LYS A 199 -18.26 -13.32 6.82
CA LYS A 199 -17.42 -14.25 7.58
C LYS A 199 -16.07 -13.61 7.90
N TRP A 200 -15.50 -12.88 6.96
CA TRP A 200 -14.22 -12.21 7.18
C TRP A 200 -14.30 -11.14 8.25
N TRP A 201 -15.19 -10.17 8.09
CA TRP A 201 -15.28 -9.09 9.07
C TRP A 201 -15.38 -9.58 10.49
N GLN A 202 -15.76 -10.85 10.63
CA GLN A 202 -15.95 -11.46 11.92
C GLN A 202 -14.62 -11.86 12.45
N GLU A 203 -13.90 -12.67 11.68
CA GLU A 203 -12.55 -13.12 12.06
C GLU A 203 -11.62 -11.89 12.26
N MET A 204 -11.99 -10.75 11.69
CA MET A 204 -11.16 -9.57 11.85
C MET A 204 -11.43 -8.92 13.18
N GLY A 205 -12.46 -9.38 13.87
CA GLY A 205 -12.78 -8.86 15.18
C GLY A 205 -14.15 -8.26 15.41
N LEU A 206 -14.87 -7.94 14.35
CA LEU A 206 -16.19 -7.35 14.48
C LEU A 206 -17.14 -8.43 14.95
N SER A 207 -17.76 -8.24 16.12
CA SER A 207 -18.70 -9.22 16.66
C SER A 207 -19.89 -9.28 15.72
N ARG A 208 -20.49 -10.47 15.62
CA ARG A 208 -21.63 -10.71 14.74
C ARG A 208 -22.83 -9.85 15.12
N GLU A 209 -22.94 -9.62 16.43
CA GLU A 209 -24.00 -8.85 17.03
C GLU A 209 -24.07 -7.46 16.45
N ASN A 210 -22.95 -6.96 15.94
CA ASN A 210 -22.91 -5.60 15.39
C ASN A 210 -22.91 -5.54 13.89
N LEU A 211 -22.78 -6.68 13.23
CA LEU A 211 -22.78 -6.73 11.76
C LEU A 211 -24.19 -7.03 11.27
N VAL A 212 -24.64 -6.29 10.25
CA VAL A 212 -26.00 -6.48 9.73
C VAL A 212 -26.12 -6.40 8.20
N PRO A 213 -26.46 -7.50 7.53
CA PRO A 213 -26.57 -7.33 6.07
C PRO A 213 -27.87 -6.62 5.87
N TYR A 214 -27.96 -5.84 4.82
CA TYR A 214 -29.18 -5.08 4.58
C TYR A 214 -29.40 -4.98 3.10
N GLN A 215 -30.50 -5.54 2.58
CA GLN A 215 -30.79 -5.46 1.14
C GLN A 215 -31.25 -4.05 0.82
N GLN A 216 -30.44 -3.34 0.08
CA GLN A 216 -30.82 -1.99 -0.30
C GLN A 216 -32.08 -2.21 -1.11
N PRO A 217 -33.02 -1.27 -1.04
CA PRO A 217 -34.25 -1.45 -1.78
C PRO A 217 -34.26 -0.69 -3.09
N PRO A 218 -35.08 -1.15 -4.07
CA PRO A 218 -35.27 -0.58 -5.41
C PRO A 218 -34.95 0.89 -5.52
N GLU A 219 -35.46 1.64 -4.55
CA GLU A 219 -35.22 3.06 -4.55
C GLU A 219 -33.73 3.29 -4.50
N SER A 220 -33.08 2.68 -3.51
CA SER A 220 -31.62 2.82 -3.30
C SER A 220 -30.67 2.04 -4.24
N SER A 221 -31.17 0.98 -4.89
CA SER A 221 -30.33 0.21 -5.81
C SER A 221 -29.81 1.12 -6.94
N ALA A 222 -28.66 1.76 -6.71
CA ALA A 222 -28.05 2.65 -7.70
C ALA A 222 -27.94 1.99 -9.07
N HIS A 223 -27.94 2.82 -10.11
CA HIS A 223 -27.91 2.39 -11.52
C HIS A 223 -27.33 1.01 -11.96
N TYR A 224 -25.99 0.89 -11.89
CA TYR A 224 -25.28 -0.33 -12.29
C TYR A 224 -25.70 -1.54 -11.51
N ALA A 225 -26.06 -1.29 -10.27
CA ALA A 225 -26.48 -2.37 -9.41
C ALA A 225 -27.89 -2.89 -9.63
N LYS A 226 -27.98 -4.12 -10.11
CA LYS A 226 -29.25 -4.78 -10.33
C LYS A 226 -29.79 -5.08 -8.91
N ALA A 227 -28.88 -5.22 -7.94
CA ALA A 227 -29.23 -5.49 -6.54
C ALA A 227 -27.93 -5.23 -5.81
N THR A 228 -28.01 -5.01 -4.49
CA THR A 228 -26.81 -4.75 -3.66
C THR A 228 -27.15 -5.06 -2.24
N VAL A 229 -26.16 -5.48 -1.47
CA VAL A 229 -26.39 -5.77 -0.08
C VAL A 229 -25.31 -5.07 0.67
N ASP A 230 -25.68 -4.32 1.67
CA ASP A 230 -24.70 -3.64 2.48
C ASP A 230 -24.53 -4.40 3.79
N ILE A 231 -23.34 -4.33 4.34
CA ILE A 231 -23.08 -4.98 5.61
C ILE A 231 -22.93 -3.77 6.47
N LEU A 232 -23.96 -3.45 7.23
CA LEU A 232 -23.87 -2.29 8.08
C LEU A 232 -23.15 -2.68 9.35
N TYR A 233 -22.58 -1.67 9.99
CA TYR A 233 -21.88 -1.84 11.22
C TYR A 233 -22.43 -0.90 12.29
N ARG A 234 -22.46 -1.38 13.52
CA ARG A 234 -22.96 -0.60 14.65
C ARG A 234 -21.96 0.45 15.14
N PHE A 235 -21.72 1.43 14.27
CA PHE A 235 -20.80 2.54 14.51
C PHE A 235 -21.29 3.48 15.61
N PRO A 236 -20.36 4.04 16.43
CA PRO A 236 -20.83 4.95 17.49
C PRO A 236 -21.93 5.93 17.04
N HIS A 237 -21.76 6.58 15.90
CA HIS A 237 -22.76 7.54 15.41
C HIS A 237 -24.01 6.92 14.78
N GLY A 238 -24.06 5.60 14.65
CA GLY A 238 -25.22 4.92 14.05
C GLY A 238 -24.98 3.74 13.09
N SER A 239 -25.90 2.79 13.06
CA SER A 239 -25.77 1.64 12.15
C SER A 239 -25.56 2.23 10.74
N LEU A 240 -24.35 2.09 10.18
CA LEU A 240 -24.06 2.61 8.83
C LEU A 240 -23.23 1.65 7.96
N GLU A 241 -23.19 1.92 6.65
CA GLU A 241 -22.48 1.09 5.64
C GLU A 241 -20.97 0.92 5.90
N LEU A 242 -20.49 -0.33 5.78
CA LEU A 242 -19.09 -0.69 6.00
C LEU A 242 -18.55 -1.25 4.71
N GLU A 243 -19.20 -2.28 4.20
CA GLU A 243 -18.81 -2.87 2.95
C GLU A 243 -20.08 -2.94 2.10
N GLY A 244 -19.94 -2.95 0.78
CA GLY A 244 -21.11 -3.00 -0.10
C GLY A 244 -20.94 -4.09 -1.14
N ILE A 245 -21.64 -5.22 -0.94
CA ILE A 245 -21.58 -6.35 -1.85
C ILE A 245 -22.67 -6.21 -2.89
N ALA A 246 -22.33 -5.49 -3.95
CA ALA A 246 -23.23 -5.20 -5.06
C ALA A 246 -23.34 -6.32 -6.09
N GLN A 247 -24.11 -6.04 -7.13
CA GLN A 247 -24.34 -6.99 -8.17
C GLN A 247 -24.65 -6.24 -9.46
N ARG A 248 -23.64 -5.53 -9.98
CA ARG A 248 -23.75 -4.80 -11.23
C ARG A 248 -23.89 -5.95 -12.20
N THR A 249 -24.41 -5.76 -13.40
CA THR A 249 -24.54 -6.95 -14.22
C THR A 249 -24.17 -6.74 -15.66
N ASP A 250 -22.91 -7.00 -16.01
CA ASP A 250 -22.44 -6.79 -17.39
C ASP A 250 -22.60 -5.37 -17.93
N PHE A 251 -22.96 -4.45 -17.04
CA PHE A 251 -23.15 -3.04 -17.41
C PHE A 251 -21.81 -2.42 -17.58
N ASP A 252 -20.93 -2.69 -16.61
CA ASP A 252 -19.61 -2.13 -16.68
C ASP A 252 -18.87 -2.61 -17.89
N LEU A 253 -18.74 -3.92 -18.06
CA LEU A 253 -18.03 -4.39 -19.22
C LEU A 253 -18.81 -3.88 -20.41
N GLY A 254 -20.13 -3.87 -20.29
CA GLY A 254 -21.00 -3.41 -21.36
C GLY A 254 -20.76 -1.98 -21.82
N SER A 255 -20.67 -1.06 -20.87
CA SER A 255 -20.45 0.34 -21.20
C SER A 255 -19.06 0.58 -21.74
N HIS A 256 -18.15 -0.36 -21.57
CA HIS A 256 -16.76 -0.20 -22.01
C HIS A 256 -16.24 -1.07 -23.15
N THR A 257 -17.09 -1.85 -23.83
CA THR A 257 -16.63 -2.75 -24.90
C THR A 257 -16.98 -2.43 -26.35
N LYS A 258 -16.07 -2.82 -27.24
CA LYS A 258 -16.24 -2.65 -28.68
C LYS A 258 -17.20 -3.75 -29.11
N ASP A 259 -17.80 -3.63 -30.29
CA ASP A 259 -18.73 -4.64 -30.77
C ASP A 259 -19.96 -4.82 -29.91
N GLN A 260 -20.31 -3.80 -29.14
CA GLN A 260 -21.45 -3.87 -28.24
C GLN A 260 -22.64 -4.66 -28.82
N GLU A 261 -22.99 -4.36 -30.06
CA GLU A 261 -24.11 -5.00 -30.76
C GLU A 261 -24.02 -6.53 -30.89
N ALA A 262 -22.82 -7.05 -31.15
CA ALA A 262 -22.60 -8.48 -31.31
C ALA A 262 -22.81 -9.28 -30.03
N LEU A 263 -21.92 -9.11 -29.04
CA LEU A 263 -22.04 -9.80 -27.76
C LEU A 263 -23.29 -9.25 -27.06
N GLY A 264 -24.33 -10.08 -26.92
CA GLY A 264 -25.59 -9.64 -26.34
C GLY A 264 -25.68 -9.06 -24.95
N ILE A 265 -25.46 -7.76 -24.81
CA ILE A 265 -25.52 -7.16 -23.49
C ILE A 265 -26.96 -7.21 -23.03
N THR A 266 -27.14 -7.12 -21.73
CA THR A 266 -28.47 -7.10 -21.14
C THR A 266 -28.80 -5.68 -20.75
N ALA A 267 -28.38 -5.25 -19.57
CA ALA A 267 -28.65 -3.90 -19.11
C ALA A 267 -28.03 -2.78 -19.97
N ARG A 268 -28.53 -1.57 -19.73
CA ARG A 268 -28.17 -0.31 -20.41
C ARG A 268 -26.69 0.07 -20.50
N VAL A 269 -26.31 0.69 -21.61
CA VAL A 269 -24.93 1.08 -21.83
C VAL A 269 -25.03 2.13 -22.94
N LEU A 270 -23.96 2.85 -23.23
CA LEU A 270 -24.02 3.82 -24.32
C LEU A 270 -23.33 3.12 -25.47
N ARG A 271 -23.74 3.37 -26.71
CA ARG A 271 -23.03 2.72 -27.81
C ARG A 271 -21.63 3.31 -27.58
N ASN A 272 -20.69 2.45 -27.22
CA ASN A 272 -19.34 2.92 -26.98
C ASN A 272 -18.68 3.00 -28.33
N GLU A 273 -18.33 4.23 -28.70
CA GLU A 273 -17.73 4.50 -29.99
C GLU A 273 -16.19 4.62 -30.04
N HIS A 274 -15.57 4.67 -28.86
CA HIS A 274 -14.12 4.83 -28.77
C HIS A 274 -13.34 3.58 -28.35
N SER A 275 -13.91 2.73 -27.51
CA SER A 275 -13.19 1.53 -27.01
C SER A 275 -12.41 0.69 -28.03
N THR A 276 -11.10 0.64 -27.88
CA THR A 276 -10.29 -0.14 -28.79
C THR A 276 -10.55 -1.61 -28.52
N GLN A 277 -10.88 -1.93 -27.27
CA GLN A 277 -11.09 -3.32 -26.91
C GLN A 277 -12.51 -3.86 -26.86
N ARG A 278 -12.61 -5.14 -27.14
CA ARG A 278 -13.85 -5.91 -27.18
C ARG A 278 -13.84 -6.82 -25.95
N LEU A 279 -14.01 -6.22 -24.78
CA LEU A 279 -14.02 -6.92 -23.50
C LEU A 279 -15.14 -7.97 -23.36
N ALA A 280 -14.83 -9.20 -23.67
CA ALA A 280 -15.82 -10.26 -23.59
C ALA A 280 -15.05 -11.56 -23.41
N TYR A 281 -15.72 -12.59 -22.87
CA TYR A 281 -15.12 -13.91 -22.63
C TYR A 281 -15.70 -14.85 -23.67
N ARG A 282 -14.86 -15.59 -24.38
CA ARG A 282 -15.41 -16.41 -25.45
C ARG A 282 -15.79 -17.84 -25.30
N ASP A 283 -15.33 -18.54 -24.28
CA ASP A 283 -15.71 -19.93 -24.25
C ASP A 283 -16.64 -20.46 -23.19
N PRO A 284 -17.89 -20.73 -23.57
CA PRO A 284 -18.79 -21.27 -22.55
C PRO A 284 -18.75 -22.77 -22.87
N GLU A 285 -19.82 -23.52 -22.63
CA GLU A 285 -19.78 -24.93 -23.00
C GLU A 285 -19.76 -24.92 -24.55
N THR A 286 -20.14 -23.78 -25.09
CA THR A 286 -20.22 -23.56 -26.51
C THR A 286 -18.97 -22.83 -27.05
N GLY A 287 -19.19 -21.86 -27.95
CA GLY A 287 -18.11 -21.07 -28.54
C GLY A 287 -18.61 -19.65 -28.77
N LYS A 288 -19.71 -19.34 -28.09
CA LYS A 288 -20.40 -18.07 -28.14
C LYS A 288 -19.80 -16.95 -27.28
N TRP A 289 -19.36 -15.86 -27.92
CA TRP A 289 -18.80 -14.72 -27.22
C TRP A 289 -19.88 -14.13 -26.33
N PHE A 290 -19.62 -13.97 -25.04
CA PHE A 290 -20.64 -13.37 -24.18
C PHE A 290 -20.04 -12.37 -23.19
N VAL A 291 -20.88 -11.57 -22.52
CA VAL A 291 -20.37 -10.58 -21.56
C VAL A 291 -20.77 -10.90 -20.13
N PRO A 292 -19.79 -11.26 -19.27
CA PRO A 292 -19.96 -11.62 -17.86
C PRO A 292 -20.71 -10.61 -17.00
N TYR A 293 -21.36 -11.12 -15.96
CA TYR A 293 -22.08 -10.31 -14.97
C TYR A 293 -21.05 -10.24 -13.83
N VAL A 294 -21.16 -9.32 -12.90
CA VAL A 294 -20.19 -9.31 -11.83
C VAL A 294 -20.79 -9.15 -10.44
N ILE A 295 -20.11 -9.68 -9.45
CA ILE A 295 -20.55 -9.51 -8.08
C ILE A 295 -19.41 -8.67 -7.56
N GLU A 296 -19.71 -7.57 -6.89
CA GLU A 296 -18.66 -6.69 -6.39
C GLU A 296 -18.73 -6.39 -4.91
N PRO A 297 -17.70 -6.81 -4.15
CA PRO A 297 -17.65 -6.56 -2.69
C PRO A 297 -16.73 -5.35 -2.49
N SER A 298 -17.26 -4.17 -2.22
CA SER A 298 -16.44 -2.97 -2.06
C SER A 298 -16.37 -2.62 -0.58
N ALA A 299 -15.19 -2.72 0.03
CA ALA A 299 -15.00 -2.40 1.46
C ALA A 299 -14.25 -1.10 1.65
N GLY A 300 -14.66 -0.30 2.61
CA GLY A 300 -13.95 0.95 2.87
C GLY A 300 -12.85 0.71 3.89
N VAL A 301 -11.59 0.79 3.47
CA VAL A 301 -10.49 0.53 4.40
C VAL A 301 -10.55 1.46 5.59
N ASP A 302 -10.72 2.74 5.32
CA ASP A 302 -10.79 3.72 6.36
C ASP A 302 -11.90 3.36 7.34
N ARG A 303 -13.05 2.93 6.84
CA ARG A 303 -14.15 2.56 7.72
C ARG A 303 -13.89 1.25 8.45
N GLY A 304 -13.22 0.31 7.77
CA GLY A 304 -12.87 -0.97 8.35
C GLY A 304 -12.06 -0.68 9.62
N VAL A 305 -11.22 0.35 9.54
CA VAL A 305 -10.43 0.78 10.68
C VAL A 305 -11.32 1.37 11.79
N LEU A 306 -12.23 2.29 11.43
CA LEU A 306 -13.13 2.93 12.41
C LEU A 306 -13.88 1.85 13.13
N ALA A 307 -14.30 0.85 12.37
CA ALA A 307 -15.02 -0.29 12.90
C ALA A 307 -14.12 -0.94 13.92
N LEU A 308 -13.06 -1.57 13.44
CA LEU A 308 -12.12 -2.26 14.29
C LEU A 308 -11.77 -1.52 15.56
N LEU A 309 -11.59 -0.20 15.45
CA LEU A 309 -11.22 0.65 16.60
C LEU A 309 -12.39 0.75 17.53
N ALA A 310 -13.51 1.21 17.00
CA ALA A 310 -14.73 1.35 17.80
C ALA A 310 -14.98 0.03 18.55
N GLU A 311 -15.12 -1.05 17.79
CA GLU A 311 -15.39 -2.35 18.35
C GLU A 311 -14.44 -2.71 19.47
N ALA A 312 -13.15 -2.47 19.25
CA ALA A 312 -12.10 -2.83 20.21
C ALA A 312 -11.89 -1.95 21.42
N PHE A 313 -12.15 -0.68 21.25
CA PHE A 313 -12.00 0.28 22.30
C PHE A 313 -12.89 -0.05 23.49
N THR A 314 -12.36 -0.70 24.51
CA THR A 314 -13.18 -1.01 25.67
C THR A 314 -12.58 -0.15 26.78
N ARG A 315 -13.35 0.13 27.84
CA ARG A 315 -12.88 1.02 28.92
C ARG A 315 -13.13 0.45 30.32
N GLU A 316 -12.69 -0.76 30.53
CA GLU A 316 -12.86 -1.43 31.80
C GLU A 316 -12.31 -0.68 32.97
N GLU A 317 -12.86 -0.97 34.15
CA GLU A 317 -12.45 -0.36 35.41
C GLU A 317 -11.55 -1.39 36.08
N LEU A 318 -10.65 -0.95 36.96
CA LEU A 318 -9.73 -1.88 37.65
C LEU A 318 -9.63 -1.70 39.17
N PRO A 319 -9.55 -2.83 39.94
CA PRO A 319 -9.45 -2.96 41.40
C PRO A 319 -8.67 -1.85 42.07
N ASN A 320 -7.85 -1.16 41.31
CA ASN A 320 -7.13 -0.03 41.87
C ASN A 320 -8.18 1.08 42.02
N GLY A 321 -9.45 0.73 41.80
CA GLY A 321 -10.55 1.68 41.89
C GLY A 321 -10.45 2.70 40.77
N GLU A 322 -9.54 2.45 39.84
CA GLU A 322 -9.31 3.34 38.71
C GLU A 322 -9.77 2.68 37.45
N GLU A 323 -9.55 3.37 36.33
CA GLU A 323 -9.93 2.84 35.03
C GLU A 323 -8.77 2.96 34.03
N ARG A 324 -8.81 2.08 33.03
CA ARG A 324 -7.83 1.99 31.95
C ARG A 324 -8.62 1.85 30.67
N ILE A 325 -8.20 2.52 29.62
CA ILE A 325 -8.89 2.38 28.34
C ILE A 325 -8.05 1.29 27.72
N VAL A 326 -8.67 0.29 27.11
CA VAL A 326 -7.89 -0.81 26.53
C VAL A 326 -8.32 -1.16 25.11
N LEU A 327 -7.53 -0.80 24.09
CA LEU A 327 -7.88 -1.19 22.71
C LEU A 327 -7.60 -2.71 22.70
N LYS A 328 -8.63 -3.50 22.43
CA LYS A 328 -8.49 -4.94 22.39
C LYS A 328 -8.58 -5.45 20.96
N LEU A 329 -7.64 -5.02 20.10
CA LEU A 329 -7.59 -5.42 18.68
C LEU A 329 -7.20 -6.89 18.55
N LYS A 330 -7.60 -7.53 17.46
CA LYS A 330 -7.22 -8.92 17.27
C LYS A 330 -5.71 -8.81 17.21
N PRO A 331 -5.00 -9.37 18.19
CA PRO A 331 -3.54 -9.34 18.27
C PRO A 331 -2.87 -9.27 16.92
N GLN A 332 -3.18 -10.20 16.03
CA GLN A 332 -2.58 -10.21 14.71
C GLN A 332 -2.72 -8.93 13.92
N LEU A 333 -3.58 -8.01 14.35
CA LEU A 333 -3.78 -6.75 13.63
C LEU A 333 -3.34 -5.55 14.46
N ALA A 334 -2.86 -5.78 15.67
CA ALA A 334 -2.43 -4.66 16.49
C ALA A 334 -1.24 -3.92 15.84
N PRO A 335 -1.13 -2.58 16.02
CA PRO A 335 0.01 -1.90 15.40
C PRO A 335 1.35 -2.52 15.84
N ILE A 336 1.47 -2.92 17.11
CA ILE A 336 2.68 -3.60 17.62
C ILE A 336 2.32 -4.95 18.30
N LYS A 337 2.98 -6.05 17.98
CA LYS A 337 2.67 -7.32 18.60
C LYS A 337 3.27 -7.36 19.99
N VAL A 338 4.60 -7.31 20.07
CA VAL A 338 5.29 -7.30 21.36
C VAL A 338 6.08 -6.04 21.58
N ALA A 339 6.09 -5.53 22.80
CA ALA A 339 6.81 -4.31 23.09
C ALA A 339 7.77 -4.64 24.19
N VAL A 340 9.07 -4.67 23.85
CA VAL A 340 10.20 -4.93 24.76
C VAL A 340 10.60 -3.67 25.56
N ILE A 341 10.45 -3.73 26.88
CA ILE A 341 10.74 -2.59 27.75
C ILE A 341 11.83 -2.78 28.79
N PRO A 342 12.88 -1.95 28.74
CA PRO A 342 13.96 -2.06 29.70
C PRO A 342 13.45 -1.39 30.97
N LEU A 343 13.67 -1.99 32.12
CA LEU A 343 13.15 -1.38 33.34
C LEU A 343 13.79 -0.09 33.88
N VAL A 344 15.11 0.00 33.80
CA VAL A 344 15.80 1.21 34.21
C VAL A 344 16.44 1.62 32.90
N LYS A 345 16.19 2.85 32.46
CA LYS A 345 16.77 3.33 31.20
C LYS A 345 18.24 3.64 31.38
N ASN A 346 18.69 3.60 32.62
CA ASN A 346 20.09 3.90 32.91
C ASN A 346 21.02 2.78 32.44
N ARG A 347 21.00 1.67 33.15
CA ARG A 347 21.83 0.52 32.85
C ARG A 347 21.89 0.15 31.41
N PRO A 348 22.95 0.58 30.74
CA PRO A 348 23.19 0.30 29.32
C PRO A 348 23.35 -1.20 29.01
N GLU A 349 23.73 -1.99 30.01
CA GLU A 349 23.90 -3.43 29.83
C GLU A 349 22.51 -4.04 29.69
N ILE A 350 21.54 -3.40 30.34
CA ILE A 350 20.15 -3.79 30.33
C ILE A 350 19.58 -3.42 28.96
N THR A 351 19.57 -2.13 28.66
CA THR A 351 19.02 -1.66 27.38
C THR A 351 19.53 -2.47 26.21
N GLU A 352 20.83 -2.68 26.18
CA GLU A 352 21.44 -3.43 25.10
C GLU A 352 20.76 -4.79 25.02
N TYR A 353 20.59 -5.43 26.18
CA TYR A 353 19.95 -6.74 26.26
C TYR A 353 18.59 -6.61 25.63
N ALA A 354 17.88 -5.55 26.01
CA ALA A 354 16.55 -5.25 25.50
C ALA A 354 16.57 -5.15 23.97
N LYS A 355 17.25 -4.13 23.43
CA LYS A 355 17.36 -3.90 21.99
C LYS A 355 17.74 -5.19 21.29
N ARG A 356 18.52 -6.00 21.99
CA ARG A 356 18.99 -7.26 21.46
C ARG A 356 17.88 -8.27 21.34
N LEU A 357 16.99 -8.29 22.35
CA LEU A 357 15.84 -9.21 22.39
C LEU A 357 14.85 -8.88 21.31
N LYS A 358 14.53 -7.58 21.19
CA LYS A 358 13.62 -7.09 20.17
C LYS A 358 13.97 -7.76 18.88
N ALA A 359 15.25 -7.80 18.54
CA ALA A 359 15.71 -8.43 17.31
C ALA A 359 15.27 -9.90 17.18
N ARG A 360 15.66 -10.68 18.18
CA ARG A 360 15.37 -12.12 18.22
C ARG A 360 13.91 -12.35 18.00
N LEU A 361 13.08 -11.50 18.60
CA LEU A 361 11.62 -11.60 18.51
C LEU A 361 11.07 -11.19 17.16
N LEU A 362 11.56 -10.08 16.60
CA LEU A 362 11.07 -9.67 15.28
C LEU A 362 11.30 -10.86 14.34
N ALA A 363 12.42 -11.52 14.57
CA ALA A 363 12.80 -12.65 13.77
C ALA A 363 11.76 -13.75 13.68
N LEU A 364 10.97 -13.93 14.72
CA LEU A 364 9.95 -14.98 14.70
C LEU A 364 8.97 -14.66 13.61
N GLY A 365 8.94 -13.37 13.26
CA GLY A 365 8.07 -12.91 12.22
C GLY A 365 6.63 -13.01 12.64
N LEU A 366 6.38 -12.78 13.93
CA LEU A 366 5.02 -12.84 14.42
C LEU A 366 4.40 -11.49 14.19
N GLY A 367 5.25 -10.53 13.85
CA GLY A 367 4.76 -9.20 13.59
C GLY A 367 5.72 -8.21 14.18
N ARG A 368 5.45 -6.92 13.99
CA ARG A 368 6.32 -5.87 14.50
C ARG A 368 6.51 -6.00 16.00
N VAL A 369 7.76 -5.85 16.44
CA VAL A 369 8.07 -5.87 17.86
C VAL A 369 8.60 -4.48 18.06
N LEU A 370 8.45 -3.91 19.23
CA LEU A 370 8.92 -2.57 19.44
C LEU A 370 9.82 -2.45 20.65
N TYR A 371 10.90 -1.69 20.52
CA TYR A 371 11.81 -1.52 21.65
C TYR A 371 11.40 -0.25 22.37
N GLU A 372 10.37 -0.30 23.20
CA GLU A 372 9.88 0.88 23.90
C GLU A 372 10.82 1.27 25.02
N ASP A 373 11.36 2.48 24.97
CA ASP A 373 12.31 2.93 25.97
C ASP A 373 11.80 4.10 26.75
N THR A 374 10.50 4.39 26.64
CA THR A 374 9.96 5.55 27.34
C THR A 374 9.67 5.50 28.84
N GLY A 375 10.32 6.46 29.50
CA GLY A 375 10.23 6.64 30.93
C GLY A 375 9.61 5.56 31.77
N ASN A 376 8.65 6.04 32.57
CA ASN A 376 7.89 5.25 33.53
C ASN A 376 7.30 4.01 32.90
N ILE A 377 7.65 2.85 33.44
CA ILE A 377 7.15 1.55 32.93
C ILE A 377 5.64 1.55 33.07
N GLY A 378 5.15 2.25 34.10
CA GLY A 378 3.72 2.34 34.33
C GLY A 378 3.14 3.08 33.16
N LYS A 379 3.88 4.06 32.69
CA LYS A 379 3.46 4.85 31.56
C LYS A 379 3.57 3.97 30.31
N ALA A 380 4.68 3.25 30.21
CA ALA A 380 4.91 2.42 29.06
C ALA A 380 3.77 1.46 28.94
N TYR A 381 3.56 0.67 29.98
CA TYR A 381 2.48 -0.29 30.01
C TYR A 381 1.20 0.32 29.48
N ARG A 382 0.79 1.42 30.10
CA ARG A 382 -0.42 2.12 29.72
C ARG A 382 -0.45 2.47 28.24
N ARG A 383 0.52 3.26 27.81
CA ARG A 383 0.63 3.66 26.41
C ARG A 383 0.27 2.49 25.50
N HIS A 384 0.82 1.32 25.82
CA HIS A 384 0.55 0.16 25.01
C HIS A 384 -0.87 -0.37 25.00
N ASP A 385 -1.59 -0.36 26.12
CA ASP A 385 -2.96 -0.85 26.10
C ASP A 385 -3.78 0.11 25.39
N GLU A 386 -3.44 1.38 25.45
CA GLU A 386 -4.24 2.35 24.72
C GLU A 386 -4.09 2.16 23.21
N VAL A 387 -2.96 1.60 22.77
CA VAL A 387 -2.72 1.34 21.34
C VAL A 387 -2.87 -0.16 21.05
N GLY A 388 -3.52 -0.84 21.98
CA GLY A 388 -3.80 -2.25 21.90
C GLY A 388 -2.75 -3.25 21.49
N THR A 389 -1.53 -3.16 21.99
CA THR A 389 -0.51 -4.15 21.66
C THR A 389 -0.67 -5.35 22.58
N PRO A 390 -0.70 -6.57 22.04
CA PRO A 390 -0.87 -7.78 22.87
C PRO A 390 0.13 -8.23 23.98
N PHE A 391 1.43 -8.03 23.78
CA PHE A 391 2.36 -8.47 24.81
C PHE A 391 3.49 -7.52 25.05
N ALA A 392 3.70 -7.19 26.32
CA ALA A 392 4.76 -6.29 26.79
C ALA A 392 5.80 -7.09 27.60
N VAL A 393 6.94 -7.40 26.98
CA VAL A 393 8.02 -8.13 27.66
C VAL A 393 8.93 -7.12 28.30
N THR A 394 9.09 -7.18 29.61
CA THR A 394 9.97 -6.22 30.27
C THR A 394 11.29 -6.82 30.75
N VAL A 395 12.38 -6.09 30.55
CA VAL A 395 13.69 -6.55 30.97
C VAL A 395 14.24 -5.75 32.15
N ASP A 396 14.50 -6.43 33.26
CA ASP A 396 15.05 -5.84 34.48
C ASP A 396 16.48 -6.38 34.64
N TYR A 397 17.11 -6.05 35.77
CA TYR A 397 18.47 -6.51 36.07
C TYR A 397 18.57 -8.00 36.11
N ASP A 398 17.78 -8.62 36.96
CA ASP A 398 17.79 -10.06 37.09
C ASP A 398 17.98 -10.77 35.75
N THR A 399 17.32 -10.27 34.72
CA THR A 399 17.43 -10.92 33.43
C THR A 399 18.84 -10.99 32.97
N ILE A 400 19.51 -9.87 33.04
CA ILE A 400 20.89 -9.78 32.59
C ILE A 400 21.95 -10.55 33.36
N GLY A 401 22.02 -10.37 34.68
CA GLY A 401 23.02 -11.07 35.47
C GLY A 401 23.53 -10.20 36.59
N GLN A 402 22.77 -9.15 36.90
CA GLN A 402 23.11 -8.23 37.99
C GLN A 402 21.92 -8.33 38.95
N SER A 403 21.93 -9.40 39.73
CA SER A 403 20.90 -9.70 40.71
C SER A 403 21.49 -9.44 42.09
N LYS A 404 20.88 -8.54 42.87
CA LYS A 404 21.42 -8.24 44.21
C LYS A 404 21.77 -9.53 44.99
N ASP A 405 20.93 -10.56 44.90
CA ASP A 405 21.19 -11.82 45.59
C ASP A 405 22.22 -12.69 44.89
N GLY A 406 22.96 -12.10 43.95
CA GLY A 406 23.99 -12.83 43.22
C GLY A 406 23.59 -13.95 42.28
N THR A 407 22.70 -14.83 42.76
CA THR A 407 22.24 -15.99 41.99
C THR A 407 21.84 -15.74 40.53
N THR A 408 22.43 -16.52 39.63
CA THR A 408 22.08 -16.42 38.21
C THR A 408 20.88 -17.35 38.02
N ARG A 409 19.95 -17.28 38.98
CA ARG A 409 18.75 -18.11 39.02
C ARG A 409 17.69 -17.76 37.98
N LEU A 410 17.52 -16.48 37.71
CA LEU A 410 16.53 -16.05 36.74
C LEU A 410 17.17 -15.38 35.53
N LYS A 411 18.43 -15.70 35.28
CA LYS A 411 19.13 -15.10 34.16
C LYS A 411 18.46 -15.54 32.87
N ASP A 412 18.10 -14.55 32.04
CA ASP A 412 17.46 -14.77 30.73
C ASP A 412 15.99 -15.12 30.79
N THR A 413 15.31 -14.68 31.85
CA THR A 413 13.89 -14.96 32.00
C THR A 413 13.34 -13.58 32.11
N VAL A 414 12.31 -13.29 31.33
CA VAL A 414 11.71 -11.98 31.37
C VAL A 414 10.27 -12.05 31.76
N THR A 415 9.73 -10.91 32.14
CA THR A 415 8.34 -10.83 32.54
C THR A 415 7.41 -10.33 31.38
N VAL A 416 6.43 -11.14 31.01
CA VAL A 416 5.51 -10.79 29.91
C VAL A 416 4.08 -10.50 30.36
N ARG A 417 3.78 -9.22 30.47
CA ARG A 417 2.46 -8.78 30.88
C ARG A 417 1.50 -8.77 29.73
N ASP A 418 0.39 -9.46 29.93
CA ASP A 418 -0.69 -9.61 28.94
C ASP A 418 -1.74 -8.49 28.98
N ARG A 419 -2.01 -7.93 27.81
CA ARG A 419 -2.96 -6.83 27.68
C ARG A 419 -4.28 -6.98 28.40
N ASP A 420 -5.13 -7.86 27.87
CA ASP A 420 -6.46 -8.10 28.41
C ASP A 420 -6.50 -8.52 29.89
N THR A 421 -5.76 -9.54 30.27
CA THR A 421 -5.79 -9.99 31.65
C THR A 421 -4.89 -9.23 32.58
N MET A 422 -4.02 -8.40 32.04
CA MET A 422 -3.08 -7.65 32.85
C MET A 422 -2.20 -8.57 33.72
N GLU A 423 -2.24 -9.85 33.40
CA GLU A 423 -1.48 -10.87 34.09
C GLU A 423 -0.01 -10.73 33.78
N GLN A 424 0.86 -11.05 34.73
CA GLN A 424 2.29 -10.97 34.49
C GLN A 424 3.01 -12.28 34.79
N ILE A 425 3.31 -13.05 33.76
CA ILE A 425 4.03 -14.29 33.95
C ILE A 425 5.49 -13.89 33.84
N ARG A 426 6.39 -14.78 34.23
CA ARG A 426 7.82 -14.51 34.09
C ARG A 426 8.40 -15.75 33.47
N LEU A 427 8.64 -15.70 32.17
CA LEU A 427 9.20 -16.84 31.50
C LEU A 427 10.58 -16.61 30.89
N HIS A 428 11.29 -17.72 30.70
CA HIS A 428 12.63 -17.71 30.16
C HIS A 428 12.59 -17.42 28.69
N VAL A 429 13.49 -16.57 28.24
CA VAL A 429 13.63 -16.13 26.85
C VAL A 429 13.21 -17.15 25.81
N ASP A 430 13.81 -18.34 25.86
CA ASP A 430 13.51 -19.37 24.91
C ASP A 430 12.09 -19.85 24.86
N GLU A 431 11.36 -19.65 25.95
CA GLU A 431 9.94 -20.03 25.98
C GLU A 431 9.09 -18.90 25.37
N LEU A 432 9.57 -17.68 25.46
CA LEU A 432 8.86 -16.53 24.93
C LEU A 432 8.61 -16.67 23.45
N GLU A 433 9.47 -17.40 22.76
CA GLU A 433 9.28 -17.60 21.33
C GLU A 433 8.05 -18.47 21.16
N GLY A 434 8.10 -19.71 21.65
CA GLY A 434 6.98 -20.65 21.53
C GLY A 434 5.68 -20.04 21.99
N PHE A 435 5.74 -19.29 23.08
CA PHE A 435 4.61 -18.61 23.68
C PHE A 435 3.90 -17.76 22.63
N LEU A 436 4.59 -16.76 22.12
CA LEU A 436 4.03 -15.86 21.14
C LEU A 436 3.66 -16.62 19.88
N ARG A 437 4.46 -17.61 19.52
CA ARG A 437 4.18 -18.38 18.31
C ARG A 437 2.76 -18.90 18.44
N GLU A 438 2.36 -19.23 19.66
CA GLU A 438 1.01 -19.74 19.90
C GLU A 438 -0.03 -18.62 19.79
N ARG A 439 0.28 -17.41 20.24
CA ARG A 439 -0.70 -16.35 20.12
C ARG A 439 -0.78 -15.58 18.83
N LEU A 440 0.29 -14.88 18.46
CA LEU A 440 0.32 -14.02 17.26
C LEU A 440 0.27 -14.63 15.85
N ARG A 441 0.31 -15.95 15.81
CA ARG A 441 0.24 -16.66 14.54
C ARG A 441 -1.21 -16.86 14.11
N TRP A 442 -1.46 -16.58 12.82
CA TRP A 442 -2.79 -16.73 12.25
C TRP A 442 -3.44 -18.11 12.27
N ALA B 1 21.45 -8.46 -17.34
CA ALA B 1 20.78 -7.23 -17.73
C ALA B 1 19.85 -7.32 -18.94
N ALA B 2 18.89 -6.39 -19.03
CA ALA B 2 17.93 -6.32 -20.14
C ALA B 2 18.44 -5.36 -21.19
N SER B 3 18.57 -5.86 -22.41
CA SER B 3 19.09 -5.11 -23.56
C SER B 3 18.52 -3.73 -23.94
N SER B 4 17.20 -3.67 -24.07
CA SER B 4 16.52 -2.45 -24.50
C SER B 4 15.26 -2.23 -23.69
N LEU B 5 14.93 -0.97 -23.42
CA LEU B 5 13.72 -0.70 -22.65
C LEU B 5 12.53 -1.29 -23.34
N ASP B 6 12.56 -1.28 -24.66
CA ASP B 6 11.48 -1.83 -25.47
C ASP B 6 11.08 -3.21 -25.01
N GLU B 7 12.05 -4.13 -24.93
CA GLU B 7 11.78 -5.51 -24.49
C GLU B 7 11.01 -5.42 -23.19
N LEU B 8 11.61 -4.71 -22.22
CA LEU B 8 11.04 -4.52 -20.91
C LEU B 8 9.59 -4.13 -21.00
N VAL B 9 9.33 -3.07 -21.76
CA VAL B 9 8.00 -2.59 -21.93
C VAL B 9 7.12 -3.68 -22.51
N ALA B 10 7.68 -4.50 -23.38
CA ALA B 10 6.93 -5.57 -24.04
C ALA B 10 6.63 -6.80 -23.18
N LEU B 11 7.56 -7.13 -22.30
CA LEU B 11 7.42 -8.26 -21.36
C LEU B 11 6.36 -7.84 -20.34
N CYS B 12 6.47 -6.58 -19.90
CA CYS B 12 5.55 -5.98 -18.95
C CYS B 12 4.11 -6.07 -19.38
N LYS B 13 3.84 -5.83 -20.67
CA LYS B 13 2.47 -5.93 -21.18
C LYS B 13 2.09 -7.39 -21.37
N ARG B 14 2.95 -8.12 -22.07
CA ARG B 14 2.70 -9.52 -22.37
C ARG B 14 2.52 -10.43 -21.16
N ARG B 15 2.93 -9.97 -19.98
CA ARG B 15 2.79 -10.79 -18.78
C ARG B 15 1.85 -10.20 -17.74
N GLY B 16 1.38 -8.98 -17.96
CA GLY B 16 0.47 -8.33 -17.03
C GLY B 16 1.17 -7.61 -15.89
N PHE B 17 2.39 -7.16 -16.13
CA PHE B 17 3.15 -6.44 -15.11
C PHE B 17 2.63 -5.00 -15.07
N ILE B 18 2.82 -4.29 -16.15
CA ILE B 18 2.36 -2.92 -16.26
C ILE B 18 1.58 -2.85 -17.56
N PHE B 19 0.40 -2.27 -17.49
CA PHE B 19 -0.48 -2.07 -18.65
C PHE B 19 -0.51 -0.56 -18.83
N GLN B 20 -0.82 -0.09 -20.03
CA GLN B 20 -0.92 1.35 -20.23
C GLN B 20 -2.21 1.83 -19.57
N SER B 21 -2.12 2.84 -18.72
CA SER B 21 -3.35 3.25 -18.11
C SER B 21 -4.32 3.73 -19.18
N SER B 22 -5.60 3.54 -18.87
CA SER B 22 -6.71 3.94 -19.70
C SER B 22 -6.55 3.59 -21.19
N GLU B 23 -5.85 2.49 -21.46
CA GLU B 23 -5.58 2.02 -22.81
C GLU B 23 -6.77 1.97 -23.76
N ILE B 24 -7.88 1.34 -23.40
CA ILE B 24 -9.02 1.26 -24.33
C ILE B 24 -9.52 2.60 -24.94
N TYR B 25 -9.44 3.72 -24.23
CA TYR B 25 -9.92 4.98 -24.80
C TYR B 25 -8.83 5.86 -25.34
N GLY B 26 -7.66 5.29 -25.56
CA GLY B 26 -6.57 6.09 -26.07
C GLY B 26 -5.38 6.24 -25.16
N GLY B 27 -5.58 5.97 -23.87
CA GLY B 27 -4.49 6.06 -22.92
C GLY B 27 -4.12 7.46 -22.48
N LEU B 28 -3.92 7.60 -21.17
CA LEU B 28 -3.52 8.86 -20.59
C LEU B 28 -1.99 8.74 -20.49
N GLN B 29 -1.28 9.22 -21.49
CA GLN B 29 0.17 9.12 -21.49
C GLN B 29 0.80 9.68 -20.23
N GLY B 30 1.70 8.91 -19.67
CA GLY B 30 2.38 9.34 -18.46
C GLY B 30 1.78 8.76 -17.20
N VAL B 31 0.79 7.92 -17.37
CA VAL B 31 0.19 7.29 -16.21
C VAL B 31 -0.05 5.82 -16.59
N TYR B 32 0.49 4.90 -15.80
CA TYR B 32 0.35 3.46 -16.07
C TYR B 32 -0.43 2.70 -14.99
N ASP B 33 -0.88 1.50 -15.31
CA ASP B 33 -1.63 0.66 -14.37
C ASP B 33 -0.75 -0.55 -14.15
N TYR B 34 -0.66 -1.02 -12.90
CA TYR B 34 0.13 -2.20 -12.59
C TYR B 34 -0.78 -3.42 -12.63
N GLY B 35 -0.59 -4.26 -13.64
CA GLY B 35 -1.41 -5.45 -13.74
C GLY B 35 -1.08 -6.44 -12.63
N PRO B 36 -1.60 -7.67 -12.69
CA PRO B 36 -1.38 -8.73 -11.71
C PRO B 36 0.06 -8.91 -11.17
N LEU B 37 1.00 -9.38 -12.01
CA LEU B 37 2.37 -9.62 -11.55
C LEU B 37 3.10 -8.34 -11.15
N GLY B 38 2.65 -7.23 -11.72
CA GLY B 38 3.23 -5.93 -11.40
C GLY B 38 2.98 -5.60 -9.96
N VAL B 39 1.70 -5.60 -9.57
CA VAL B 39 1.31 -5.34 -8.20
C VAL B 39 2.18 -6.06 -7.23
N GLU B 40 2.17 -7.40 -7.32
CA GLU B 40 2.94 -8.23 -6.44
C GLU B 40 4.36 -7.71 -6.28
N LEU B 41 5.10 -7.70 -7.38
CA LEU B 41 6.48 -7.22 -7.36
C LEU B 41 6.59 -5.86 -6.62
N LYS B 42 5.70 -4.94 -7.00
CA LYS B 42 5.63 -3.60 -6.45
C LYS B 42 5.39 -3.64 -4.96
N ASN B 43 4.44 -4.44 -4.50
CA ASN B 43 4.21 -4.52 -3.07
C ASN B 43 5.37 -5.07 -2.30
N ASN B 44 5.94 -6.15 -2.80
CA ASN B 44 7.07 -6.77 -2.15
C ASN B 44 8.21 -5.79 -1.99
N LEU B 45 8.42 -4.94 -2.98
CA LEU B 45 9.48 -3.95 -2.91
C LEU B 45 9.10 -2.98 -1.77
N LYS B 46 7.85 -2.54 -1.77
CA LYS B 46 7.36 -1.63 -0.76
C LYS B 46 7.52 -2.26 0.64
N GLN B 47 7.12 -3.49 0.77
CA GLN B 47 7.17 -4.20 2.03
C GLN B 47 8.55 -4.29 2.63
N ALA B 48 9.47 -4.88 1.86
CA ALA B 48 10.87 -5.08 2.24
C ALA B 48 11.53 -3.77 2.63
N TRP B 49 11.16 -2.68 1.97
CA TRP B 49 11.68 -1.38 2.29
C TRP B 49 11.17 -1.01 3.69
N TRP B 50 9.89 -1.25 3.94
CA TRP B 50 9.24 -0.92 5.21
C TRP B 50 9.90 -1.73 6.35
N ARG B 51 10.11 -3.01 6.10
CA ARG B 51 10.73 -3.92 7.07
C ARG B 51 12.06 -3.36 7.48
N ARG B 52 12.89 -3.15 6.47
CA ARG B 52 14.21 -2.61 6.61
C ARG B 52 14.21 -1.29 7.36
N ASN B 53 13.66 -0.26 6.77
CA ASN B 53 13.67 1.05 7.39
C ASN B 53 12.76 1.33 8.57
N VAL B 54 11.91 0.37 8.96
CA VAL B 54 11.01 0.63 10.11
C VAL B 54 10.95 -0.45 11.17
N TYR B 55 10.70 -1.68 10.75
CA TYR B 55 10.61 -2.75 11.71
C TYR B 55 11.93 -3.07 12.34
N GLU B 56 12.94 -3.25 11.50
CA GLU B 56 14.28 -3.56 11.93
C GLU B 56 15.01 -2.38 12.57
N ARG B 57 14.54 -1.15 12.34
CA ARG B 57 15.18 0.00 12.98
C ARG B 57 14.61 0.25 14.37
N ASP B 58 15.18 1.23 15.07
CA ASP B 58 14.72 1.57 16.41
C ASP B 58 14.65 3.07 16.66
N ASP B 59 14.63 3.84 15.57
CA ASP B 59 14.56 5.30 15.66
C ASP B 59 13.71 5.91 14.55
N MET B 60 12.74 5.14 14.08
CA MET B 60 11.89 5.60 13.00
C MET B 60 10.42 5.33 13.25
N GLU B 61 9.61 6.33 12.98
CA GLU B 61 8.19 6.17 13.13
C GLU B 61 7.63 6.19 11.72
N GLY B 62 6.55 5.46 11.47
CA GLY B 62 5.94 5.45 10.14
C GLY B 62 4.85 6.50 9.98
N LEU B 63 4.41 6.72 8.75
CA LEU B 63 3.34 7.68 8.52
C LEU B 63 2.71 7.40 7.18
N ASP B 64 1.55 7.99 6.94
CA ASP B 64 0.79 7.84 5.70
C ASP B 64 -0.17 9.01 5.66
N ALA B 65 0.28 10.12 5.09
CA ALA B 65 -0.53 11.30 4.98
C ALA B 65 -1.27 11.19 3.67
N SER B 66 -2.24 12.08 3.47
CA SER B 66 -3.07 12.10 2.26
C SER B 66 -2.46 12.72 1.01
N VAL B 67 -3.10 12.47 -0.13
CA VAL B 67 -2.65 13.01 -1.41
C VAL B 67 -3.07 14.47 -1.53
N LEU B 68 -4.24 14.81 -1.02
CA LEU B 68 -4.71 16.19 -1.10
C LEU B 68 -3.98 17.10 -0.13
N THR B 69 -3.41 18.16 -0.68
CA THR B 69 -2.66 19.07 0.14
C THR B 69 -3.22 20.50 0.10
N HIS B 70 -3.41 21.04 1.30
CA HIS B 70 -3.93 22.40 1.50
C HIS B 70 -2.98 23.37 0.81
N ARG B 71 -3.53 24.23 -0.05
CA ARG B 71 -2.77 25.23 -0.83
C ARG B 71 -1.59 25.89 -0.14
N LEU B 72 -1.76 26.26 1.12
CA LEU B 72 -0.66 26.87 1.87
C LEU B 72 0.59 25.96 2.04
N VAL B 73 0.40 24.68 2.37
CA VAL B 73 1.51 23.75 2.57
C VAL B 73 2.48 23.92 1.47
N LEU B 74 2.01 23.72 0.24
CA LEU B 74 2.87 23.81 -0.94
C LEU B 74 3.38 25.22 -1.26
N HIS B 75 2.76 26.21 -0.64
CA HIS B 75 3.17 27.61 -0.81
C HIS B 75 4.42 27.94 0.01
N TYR B 76 4.36 27.71 1.33
CA TYR B 76 5.50 27.96 2.21
C TYR B 76 6.63 26.97 1.91
N SER B 77 6.27 25.87 1.25
CA SER B 77 7.22 24.82 0.87
C SER B 77 8.04 25.35 -0.31
N GLY B 78 7.61 26.49 -0.83
CA GLY B 78 8.28 27.09 -1.96
C GLY B 78 7.82 26.52 -3.29
N HIS B 79 7.14 25.37 -3.26
CA HIS B 79 6.66 24.76 -4.48
C HIS B 79 5.85 25.66 -5.39
N GLU B 80 5.08 26.55 -4.78
CA GLU B 80 4.27 27.47 -5.55
C GLU B 80 5.18 28.36 -6.39
N ALA B 81 6.04 29.11 -5.70
CA ALA B 81 6.99 30.06 -6.30
C ALA B 81 7.67 29.62 -7.57
N THR B 82 7.97 28.32 -7.64
CA THR B 82 8.64 27.74 -8.79
C THR B 82 7.91 27.96 -10.12
N PHE B 83 6.66 28.40 -10.05
CA PHE B 83 5.89 28.61 -11.26
C PHE B 83 5.02 29.83 -11.07
N ALA B 84 5.67 30.99 -10.91
CA ALA B 84 4.99 32.28 -10.76
C ALA B 84 5.58 33.21 -11.81
N ASP B 85 6.17 32.55 -12.81
CA ASP B 85 6.81 33.17 -13.96
C ASP B 85 6.08 32.64 -15.19
N PRO B 86 5.40 33.52 -15.92
CA PRO B 86 4.71 32.96 -17.08
C PRO B 86 5.73 32.81 -18.20
N MET B 87 5.44 31.95 -19.17
CA MET B 87 6.38 31.76 -20.28
C MET B 87 5.73 32.19 -21.59
N VAL B 88 6.22 33.28 -22.17
CA VAL B 88 5.68 33.82 -23.42
C VAL B 88 6.59 33.32 -24.54
N ASP B 89 6.39 32.08 -24.97
CA ASP B 89 7.19 31.45 -26.03
C ASP B 89 7.24 32.28 -27.27
N ASN B 90 7.86 31.75 -28.29
CA ASN B 90 7.94 32.53 -29.49
C ASN B 90 8.53 31.65 -30.56
N ALA B 91 8.68 32.17 -31.78
CA ALA B 91 9.28 31.43 -32.91
C ALA B 91 10.82 31.48 -32.81
N LYS B 92 11.41 30.33 -32.48
CA LYS B 92 12.85 30.17 -32.30
C LYS B 92 13.30 31.03 -31.12
N ALA B 93 13.17 30.45 -29.92
CA ALA B 93 13.52 31.06 -28.62
C ALA B 93 12.65 30.39 -27.55
N ARG B 94 12.45 31.08 -26.43
CA ARG B 94 11.67 30.59 -25.31
C ARG B 94 11.35 31.70 -24.33
N TYR B 95 10.71 31.31 -23.23
CA TYR B 95 10.30 32.21 -22.16
C TYR B 95 11.07 33.51 -22.10
N TRP B 96 4.91 34.21 -31.10
CA TRP B 96 4.81 34.25 -29.63
C TRP B 96 3.67 33.40 -29.03
N THR B 97 3.99 32.19 -28.56
CA THR B 97 2.94 31.35 -27.98
C THR B 97 2.54 31.81 -26.59
N PRO B 98 1.25 32.06 -26.39
CA PRO B 98 0.61 32.51 -25.14
C PRO B 98 1.27 32.05 -23.84
N PRO B 99 1.31 32.97 -22.87
CA PRO B 99 1.83 32.94 -21.50
C PRO B 99 1.41 31.68 -20.79
N ARG B 100 2.31 30.73 -20.73
CA ARG B 100 2.00 29.51 -20.04
C ARG B 100 2.81 29.41 -18.74
N TYR B 101 2.15 29.60 -17.59
CA TYR B 101 2.81 29.44 -16.28
C TYR B 101 2.94 27.91 -16.27
N PHE B 102 4.11 27.34 -16.55
CA PHE B 102 4.13 25.87 -16.55
C PHE B 102 4.30 25.11 -15.23
N ASN B 103 3.29 25.23 -14.40
CA ASN B 103 3.25 24.61 -13.09
C ASN B 103 3.27 23.11 -13.23
N MET B 104 4.09 22.45 -12.42
CA MET B 104 4.16 21.01 -12.47
C MET B 104 3.24 20.33 -11.45
N MET B 105 2.78 21.04 -10.43
CA MET B 105 1.84 20.40 -9.47
C MET B 105 0.40 20.44 -9.96
N PHE B 106 -0.25 19.27 -9.95
CA PHE B 106 -1.65 19.18 -10.38
C PHE B 106 -2.51 20.04 -9.46
N GLN B 107 -3.66 20.46 -9.97
CA GLN B 107 -4.51 21.34 -9.21
C GLN B 107 -5.97 20.89 -9.15
N ASP B 108 -6.63 21.12 -8.02
CA ASP B 108 -8.04 20.77 -7.86
C ASP B 108 -8.74 21.66 -6.86
N LEU B 109 -10.07 21.67 -6.88
CA LEU B 109 -10.81 22.54 -5.98
C LEU B 109 -11.69 21.82 -4.96
N ARG B 110 -11.84 22.39 -3.76
CA ARG B 110 -12.65 21.80 -2.69
C ARG B 110 -14.17 22.01 -2.66
N GLY B 111 -14.93 21.20 -3.39
CA GLY B 111 -16.38 21.36 -3.41
C GLY B 111 -16.94 22.60 -4.12
N PRO B 112 -18.22 22.92 -3.90
CA PRO B 112 -18.91 24.07 -4.47
C PRO B 112 -18.43 24.64 -5.82
N ARG B 113 -17.49 25.58 -5.82
CA ARG B 113 -17.03 26.15 -7.09
C ARG B 113 -15.53 26.31 -7.17
N GLY B 114 -15.03 26.56 -8.38
CA GLY B 114 -13.60 26.76 -8.59
C GLY B 114 -13.03 28.08 -8.08
N GLY B 115 -13.07 28.28 -6.77
CA GLY B 115 -12.54 29.49 -6.16
C GLY B 115 -11.13 29.30 -5.64
N ARG B 116 -10.33 30.37 -5.65
CA ARG B 116 -8.96 30.30 -5.15
C ARG B 116 -9.02 29.97 -3.66
N GLY B 117 -10.19 30.23 -3.06
CA GLY B 117 -10.37 29.91 -1.67
C GLY B 117 -10.32 28.40 -1.43
N LEU B 118 -11.02 27.62 -2.25
CA LEU B 118 -11.00 26.17 -2.07
C LEU B 118 -10.19 25.47 -3.15
N LEU B 119 -8.89 25.67 -3.07
CA LEU B 119 -7.94 25.12 -3.99
C LEU B 119 -7.06 24.15 -3.21
N ALA B 120 -6.55 23.14 -3.88
CA ALA B 120 -5.68 22.16 -3.23
C ALA B 120 -4.86 21.45 -4.28
N TYR B 121 -3.62 21.19 -3.96
CA TYR B 121 -2.79 20.53 -4.91
C TYR B 121 -2.68 19.07 -4.57
N LEU B 122 -2.31 18.26 -5.54
CA LEU B 122 -2.04 16.86 -5.26
C LEU B 122 -0.52 16.95 -4.94
N ARG B 123 -0.11 16.43 -3.79
CA ARG B 123 1.28 16.44 -3.40
C ARG B 123 2.28 15.94 -4.48
N PRO B 124 3.15 16.83 -4.93
CA PRO B 124 4.16 16.51 -5.93
C PRO B 124 5.16 15.58 -5.33
N GLU B 125 5.15 15.47 -4.00
CA GLU B 125 6.05 14.58 -3.24
C GLU B 125 5.45 14.29 -1.88
N THR B 126 5.71 13.10 -1.34
CA THR B 126 5.18 12.70 -0.04
C THR B 126 5.75 13.54 1.08
N ALA B 127 7.03 13.88 0.93
CA ALA B 127 7.77 14.65 1.92
C ALA B 127 7.03 15.67 2.80
N GLN B 128 6.32 16.61 2.19
CA GLN B 128 5.64 17.64 2.98
C GLN B 128 4.74 17.09 4.08
N GLY B 129 4.02 16.02 3.76
CA GLY B 129 3.14 15.38 4.71
C GLY B 129 3.84 15.08 6.02
N ILE B 130 5.12 14.78 5.95
CA ILE B 130 5.84 14.48 7.16
C ILE B 130 6.21 15.73 7.97
N PHE B 131 6.83 16.72 7.32
CA PHE B 131 7.23 17.98 8.00
C PHE B 131 6.09 18.64 8.77
N VAL B 132 4.95 18.83 8.12
CA VAL B 132 3.78 19.44 8.75
C VAL B 132 3.23 18.61 9.89
N ASN B 133 3.49 17.31 9.88
CA ASN B 133 2.98 16.50 10.97
C ASN B 133 4.02 16.28 12.04
N PHE B 134 5.20 16.85 11.83
CA PHE B 134 6.30 16.69 12.79
C PHE B 134 5.89 16.77 14.26
N LYS B 135 5.29 17.89 14.68
CA LYS B 135 4.90 18.03 16.07
C LYS B 135 3.91 16.98 16.45
N ASN B 136 2.95 16.76 15.58
CA ASN B 136 1.96 15.74 15.86
C ASN B 136 2.56 14.43 16.14
N VAL B 137 3.56 14.03 15.36
CA VAL B 137 4.17 12.75 15.60
C VAL B 137 5.00 12.79 16.88
N LEU B 138 5.77 13.85 17.03
CA LEU B 138 6.63 13.99 18.18
C LEU B 138 5.81 13.82 19.45
N ASP B 139 4.64 14.45 19.48
CA ASP B 139 3.72 14.40 20.63
C ASP B 139 3.25 12.98 20.97
N ALA B 140 2.68 12.28 20.00
CA ALA B 140 2.15 10.93 20.20
C ALA B 140 3.17 9.82 20.48
N THR B 141 4.41 10.05 20.06
CA THR B 141 5.46 9.07 20.26
C THR B 141 6.37 9.51 21.39
N SER B 142 6.75 10.78 21.34
CA SER B 142 7.63 11.39 22.32
C SER B 142 9.06 10.88 22.09
N ARG B 143 9.52 11.06 20.85
CA ARG B 143 10.86 10.66 20.40
C ARG B 143 11.96 11.63 20.81
N LYS B 144 13.13 11.05 21.00
CA LYS B 144 14.33 11.78 21.37
C LYS B 144 14.96 12.02 19.99
N LEU B 145 15.82 13.03 19.88
CA LEU B 145 16.36 13.39 18.58
C LEU B 145 16.92 12.49 17.49
N GLY B 146 18.03 11.76 17.65
CA GLY B 146 18.44 10.90 16.53
C GLY B 146 17.22 10.04 16.12
N PHE B 147 16.38 10.52 15.18
CA PHE B 147 15.14 9.82 14.79
C PHE B 147 14.45 10.37 13.55
N GLY B 148 13.75 9.52 12.81
CA GLY B 148 13.07 10.00 11.63
C GLY B 148 11.74 9.32 11.35
N ILE B 149 10.86 10.05 10.65
CA ILE B 149 9.53 9.58 10.26
C ILE B 149 9.59 9.10 8.82
N ALA B 150 8.94 7.98 8.46
CA ALA B 150 9.00 7.48 7.08
C ALA B 150 7.75 6.91 6.46
N GLN B 151 7.47 7.33 5.22
CA GLN B 151 6.29 6.86 4.51
C GLN B 151 6.48 6.49 3.05
N ILE B 152 5.60 5.65 2.54
CA ILE B 152 5.57 5.26 1.14
C ILE B 152 4.27 5.96 0.75
N GLY B 153 4.15 6.45 -0.49
CA GLY B 153 2.94 7.17 -0.87
C GLY B 153 2.84 7.65 -2.29
N LYS B 154 1.66 8.12 -2.69
CA LYS B 154 1.44 8.59 -4.05
C LYS B 154 2.02 10.00 -4.23
N ALA B 155 2.41 10.35 -5.45
CA ALA B 155 2.97 11.65 -5.78
C ALA B 155 2.61 11.86 -7.21
N PHE B 156 2.00 13.00 -7.49
CA PHE B 156 1.55 13.41 -8.83
C PHE B 156 2.32 14.63 -9.30
N ARG B 157 2.72 14.60 -10.56
CA ARG B 157 3.49 15.67 -11.14
C ARG B 157 3.09 15.81 -12.60
N ASN B 158 2.69 17.01 -12.95
CA ASN B 158 2.27 17.37 -14.28
C ASN B 158 3.35 17.32 -15.35
N GLU B 159 4.35 16.47 -15.14
CA GLU B 159 5.48 16.27 -16.03
C GLU B 159 5.24 16.65 -17.48
N ILE B 160 5.69 17.83 -17.88
CA ILE B 160 5.48 18.32 -19.24
C ILE B 160 5.74 17.20 -20.21
N THR B 161 6.76 16.42 -19.91
CA THR B 161 7.12 15.30 -20.76
C THR B 161 7.35 14.05 -19.96
N PRO B 162 6.60 12.98 -20.29
CA PRO B 162 6.72 11.69 -19.63
C PRO B 162 7.60 10.92 -20.61
N ARG B 163 8.67 10.31 -20.11
CA ARG B 163 9.58 9.59 -20.98
C ARG B 163 10.07 8.29 -20.37
N ASN B 164 10.42 7.34 -21.25
CA ASN B 164 10.98 6.05 -20.85
C ASN B 164 10.19 5.10 -19.97
N PHE B 165 9.08 4.58 -20.48
CA PHE B 165 8.29 3.61 -19.74
C PHE B 165 7.83 4.17 -18.39
N ILE B 166 8.06 3.40 -17.35
CA ILE B 166 7.66 3.73 -15.97
C ILE B 166 8.78 4.47 -15.23
N PHE B 167 9.32 5.50 -15.87
CA PHE B 167 10.43 6.25 -15.31
C PHE B 167 10.01 7.64 -14.84
N ARG B 168 9.87 8.53 -15.82
CA ARG B 168 9.42 9.89 -15.56
C ARG B 168 7.97 9.76 -16.02
N VAL B 169 7.07 9.93 -15.06
CA VAL B 169 5.63 9.84 -15.29
C VAL B 169 4.92 10.95 -14.54
N ARG B 170 3.59 10.94 -14.62
CA ARG B 170 2.76 11.96 -13.98
C ARG B 170 2.19 11.53 -12.64
N GLU B 171 2.09 10.22 -12.45
CA GLU B 171 1.58 9.65 -11.20
C GLU B 171 2.50 8.51 -10.77
N PHE B 172 3.02 8.58 -9.55
CA PHE B 172 3.94 7.57 -9.06
C PHE B 172 3.95 7.56 -7.55
N GLU B 173 4.70 6.60 -7.00
CA GLU B 173 4.83 6.49 -5.55
C GLU B 173 6.29 6.59 -5.19
N GLN B 174 6.52 7.15 -4.03
CA GLN B 174 7.84 7.31 -3.53
C GLN B 174 7.89 6.70 -2.12
N MET B 175 9.08 6.27 -1.71
CA MET B 175 9.31 5.75 -0.38
C MET B 175 10.27 6.81 0.16
N GLU B 176 9.74 7.70 1.01
CA GLU B 176 10.54 8.76 1.58
C GLU B 176 10.78 8.67 3.09
N ILE B 177 11.96 9.14 3.50
CA ILE B 177 12.37 9.16 4.91
C ILE B 177 12.81 10.58 5.18
N GLU B 178 12.62 11.04 6.41
CA GLU B 178 13.04 12.38 6.77
C GLU B 178 13.67 12.25 8.12
N TYR B 179 14.98 11.94 8.11
CA TYR B 179 15.79 11.77 9.32
C TYR B 179 16.11 13.09 10.00
N PHE B 180 15.37 13.37 11.06
CA PHE B 180 15.52 14.60 11.83
C PHE B 180 16.78 14.47 12.66
N VAL B 181 17.64 15.50 12.61
CA VAL B 181 18.90 15.42 13.33
C VAL B 181 19.35 16.73 13.91
N ARG B 182 20.13 16.62 14.98
CA ARG B 182 20.70 17.79 15.62
C ARG B 182 21.66 18.44 14.63
N PRO B 183 21.47 19.74 14.40
CA PRO B 183 22.26 20.57 13.50
C PRO B 183 23.70 20.15 13.25
N GLY B 184 24.47 19.94 14.29
CA GLY B 184 25.83 19.54 14.01
C GLY B 184 26.04 18.24 13.25
N GLU B 185 25.33 17.18 13.63
CA GLU B 185 25.52 15.88 13.02
C GLU B 185 25.13 15.63 11.58
N ASP B 186 24.43 16.58 10.97
CA ASP B 186 23.94 16.40 9.60
C ASP B 186 24.91 15.80 8.61
N GLU B 187 26.18 16.20 8.67
CA GLU B 187 27.19 15.66 7.76
C GLU B 187 27.28 14.11 7.84
N TYR B 188 27.48 13.58 9.04
CA TYR B 188 27.57 12.14 9.26
C TYR B 188 26.38 11.41 8.68
N TRP B 189 25.24 11.82 9.21
CA TRP B 189 23.97 11.28 8.85
C TRP B 189 23.78 11.17 7.39
N HIS B 190 24.03 12.27 6.70
CA HIS B 190 23.87 12.28 5.28
C HIS B 190 24.71 11.14 4.70
N ARG B 191 25.92 10.99 5.22
CA ARG B 191 26.86 9.95 4.78
C ARG B 191 26.25 8.60 5.09
N TYR B 192 25.93 8.40 6.36
CA TYR B 192 25.32 7.17 6.82
C TYR B 192 24.19 6.67 5.89
N TRP B 193 23.18 7.53 5.69
CA TRP B 193 22.03 7.19 4.84
C TRP B 193 22.32 6.82 3.36
N VAL B 194 23.25 7.55 2.75
CA VAL B 194 23.64 7.28 1.38
C VAL B 194 24.17 5.85 1.35
N GLU B 195 25.08 5.54 2.26
CA GLU B 195 25.71 4.21 2.33
C GLU B 195 24.70 3.13 2.60
N GLU B 196 23.73 3.47 3.45
CA GLU B 196 22.68 2.54 3.82
C GLU B 196 21.86 2.19 2.61
N ARG B 197 21.28 3.23 2.02
CA ARG B 197 20.45 3.10 0.85
C ARG B 197 21.16 2.37 -0.29
N LEU B 198 22.46 2.54 -0.41
CA LEU B 198 23.13 1.83 -1.47
C LEU B 198 23.23 0.36 -1.03
N LYS B 199 23.53 0.16 0.25
CA LYS B 199 23.66 -1.21 0.80
C LYS B 199 22.36 -1.96 0.49
N TRP B 200 21.24 -1.26 0.72
CA TRP B 200 19.93 -1.83 0.50
C TRP B 200 19.68 -2.27 -0.93
N TRP B 201 19.75 -1.30 -1.86
CA TRP B 201 19.48 -1.56 -3.28
C TRP B 201 20.27 -2.74 -3.82
N GLN B 202 21.36 -3.05 -3.13
CA GLN B 202 22.16 -4.16 -3.55
C GLN B 202 21.55 -5.45 -3.06
N GLU B 203 21.17 -5.53 -1.79
CA GLU B 203 20.56 -6.75 -1.30
C GLU B 203 19.24 -6.98 -2.04
N MET B 204 18.69 -5.94 -2.64
CA MET B 204 17.44 -6.06 -3.38
C MET B 204 17.67 -6.74 -4.72
N GLY B 205 18.93 -6.70 -5.20
CA GLY B 205 19.29 -7.33 -6.47
C GLY B 205 20.10 -6.51 -7.47
N LEU B 206 20.13 -5.19 -7.29
CA LEU B 206 20.88 -4.35 -8.20
C LEU B 206 22.38 -4.56 -7.95
N SER B 207 23.07 -5.02 -8.99
CA SER B 207 24.50 -5.27 -8.92
C SER B 207 25.25 -3.98 -8.59
N ARG B 208 26.32 -4.07 -7.79
CA ARG B 208 27.06 -2.86 -7.44
C ARG B 208 27.62 -2.17 -8.65
N GLU B 209 28.01 -3.00 -9.63
CA GLU B 209 28.56 -2.54 -10.89
C GLU B 209 27.68 -1.51 -11.61
N ASN B 210 26.36 -1.57 -11.38
CA ASN B 210 25.42 -0.66 -12.03
C ASN B 210 24.93 0.47 -11.15
N LEU B 211 25.28 0.45 -9.87
CA LEU B 211 24.84 1.49 -8.96
C LEU B 211 25.95 2.52 -8.85
N VAL B 212 25.60 3.80 -8.90
CA VAL B 212 26.60 4.87 -8.79
C VAL B 212 26.14 6.08 -8.03
N PRO B 213 26.81 6.38 -6.91
CA PRO B 213 26.40 7.56 -6.16
C PRO B 213 26.95 8.71 -6.95
N TYR B 214 26.32 9.87 -6.89
CA TYR B 214 26.78 11.02 -7.66
C TYR B 214 26.46 12.28 -6.92
N GLN B 215 27.49 12.99 -6.52
CA GLN B 215 27.31 14.21 -5.78
C GLN B 215 26.76 15.28 -6.68
N GLN B 216 25.48 15.65 -6.54
CA GLN B 216 24.92 16.73 -7.36
C GLN B 216 25.78 17.97 -7.04
N PRO B 217 26.13 18.78 -8.07
CA PRO B 217 26.92 19.98 -7.78
C PRO B 217 26.04 21.22 -7.69
N PRO B 218 26.50 22.22 -6.95
CA PRO B 218 25.89 23.52 -6.67
C PRO B 218 24.78 23.93 -7.62
N GLU B 219 25.07 23.81 -8.91
CA GLU B 219 24.13 24.15 -9.95
C GLU B 219 22.84 23.36 -9.72
N SER B 220 23.00 22.05 -9.67
CA SER B 220 21.90 21.13 -9.49
C SER B 220 21.31 21.06 -8.06
N SER B 221 22.08 21.50 -7.04
CA SER B 221 21.62 21.50 -5.63
C SER B 221 20.35 22.37 -5.47
N ALA B 222 19.16 21.76 -5.68
CA ALA B 222 17.86 22.45 -5.59
C ALA B 222 17.76 23.21 -4.27
N HIS B 223 16.95 24.26 -4.23
CA HIS B 223 16.83 25.11 -3.02
C HIS B 223 16.96 24.53 -1.58
N TYR B 224 15.94 23.79 -1.14
CA TYR B 224 15.92 23.20 0.19
C TYR B 224 17.20 22.45 0.50
N ALA B 225 17.67 21.69 -0.47
CA ALA B 225 18.88 20.87 -0.34
C ALA B 225 20.21 21.62 -0.24
N LYS B 226 20.85 21.51 0.92
CA LYS B 226 22.16 22.13 1.14
C LYS B 226 23.18 21.27 0.39
N ALA B 227 22.83 20.00 0.21
CA ALA B 227 23.64 19.00 -0.50
C ALA B 227 22.69 17.86 -0.82
N THR B 228 23.10 16.97 -1.72
CA THR B 228 22.26 15.85 -2.09
C THR B 228 23.08 14.88 -2.88
N VAL B 229 22.79 13.60 -2.74
CA VAL B 229 23.51 12.58 -3.49
C VAL B 229 22.52 11.65 -4.18
N ASP B 230 22.65 11.49 -5.47
CA ASP B 230 21.73 10.61 -6.13
C ASP B 230 22.43 9.27 -6.20
N ILE B 231 21.66 8.20 -6.36
CA ILE B 231 22.23 6.86 -6.54
C ILE B 231 21.70 6.58 -7.92
N LEU B 232 22.53 6.73 -8.92
CA LEU B 232 22.05 6.51 -10.28
C LEU B 232 22.12 5.04 -10.60
N TYR B 233 21.29 4.63 -11.54
CA TYR B 233 21.29 3.27 -11.95
C TYR B 233 21.46 3.21 -13.46
N ARG B 234 22.23 2.21 -13.89
CA ARG B 234 22.51 1.98 -15.29
C ARG B 234 21.30 1.27 -15.97
N PHE B 235 20.22 2.02 -16.15
CA PHE B 235 19.00 1.50 -16.79
C PHE B 235 19.31 1.09 -18.22
N PRO B 236 18.30 0.61 -18.95
CA PRO B 236 18.70 0.24 -20.31
C PRO B 236 18.79 1.44 -21.28
N HIS B 237 18.31 2.59 -20.82
CA HIS B 237 18.40 3.79 -21.64
C HIS B 237 19.50 4.70 -21.08
N GLY B 238 20.04 4.36 -19.90
CA GLY B 238 21.10 5.18 -19.33
C GLY B 238 21.37 5.06 -17.83
N SER B 239 22.39 5.80 -17.39
CA SER B 239 22.77 5.83 -15.98
C SER B 239 21.97 6.98 -15.33
N LEU B 240 20.68 6.76 -15.06
CA LEU B 240 19.82 7.80 -14.47
C LEU B 240 19.48 7.66 -12.97
N GLU B 241 18.89 8.71 -12.40
CA GLU B 241 18.53 8.74 -10.98
C GLU B 241 17.54 7.66 -10.59
N LEU B 242 17.85 7.02 -9.47
CA LEU B 242 17.07 5.92 -8.87
C LEU B 242 16.54 6.36 -7.51
N GLU B 243 17.42 6.79 -6.64
CA GLU B 243 17.00 7.27 -5.33
C GLU B 243 17.76 8.55 -5.18
N GLY B 244 17.32 9.44 -4.29
CA GLY B 244 18.03 10.69 -4.11
C GLY B 244 18.19 10.99 -2.65
N ILE B 245 19.38 10.73 -2.13
CA ILE B 245 19.71 10.99 -0.72
C ILE B 245 20.15 12.44 -0.49
N ALA B 246 19.15 13.30 -0.35
CA ALA B 246 19.37 14.73 -0.14
C ALA B 246 19.75 15.11 1.30
N GLN B 247 19.84 16.42 1.53
CA GLN B 247 20.25 16.95 2.80
C GLN B 247 19.72 18.36 2.93
N ARG B 248 18.40 18.47 2.98
CA ARG B 248 17.74 19.76 3.21
C ARG B 248 18.21 20.11 4.61
N THR B 249 18.11 21.36 5.05
CA THR B 249 18.60 21.64 6.39
C THR B 249 17.74 22.54 7.16
N ASP B 250 16.88 21.99 7.98
CA ASP B 250 15.97 22.84 8.76
C ASP B 250 15.10 23.86 7.96
N PHE B 251 15.17 23.75 6.65
CA PHE B 251 14.42 24.63 5.75
C PHE B 251 12.96 24.21 5.82
N ASP B 252 12.68 22.91 5.70
CA ASP B 252 11.31 22.44 5.72
C ASP B 252 10.61 22.77 6.99
N LEU B 253 11.18 22.32 8.10
CA LEU B 253 10.52 22.65 9.36
C LEU B 253 10.52 24.18 9.51
N GLY B 254 11.60 24.82 9.04
CA GLY B 254 11.71 26.28 9.09
C GLY B 254 10.65 27.03 8.30
N SER B 255 10.35 26.59 7.08
CA SER B 255 9.33 27.27 6.30
C SER B 255 7.94 26.99 6.82
N HIS B 256 7.80 26.00 7.72
CA HIS B 256 6.50 25.61 8.24
C HIS B 256 6.19 25.85 9.73
N THR B 257 7.06 26.51 10.48
CA THR B 257 6.81 26.67 11.92
C THR B 257 6.47 28.04 12.42
N LYS B 258 5.75 28.07 13.53
CA LYS B 258 5.40 29.35 14.10
C LYS B 258 6.62 29.80 14.85
N ASP B 259 6.83 31.11 14.84
CA ASP B 259 7.95 31.76 15.50
C ASP B 259 9.30 31.54 14.76
N GLN B 260 9.28 31.44 13.41
CA GLN B 260 10.52 31.19 12.65
C GLN B 260 11.65 32.06 13.19
N GLU B 261 11.37 33.35 13.32
CA GLU B 261 12.34 34.32 13.83
C GLU B 261 12.96 33.95 15.18
N ALA B 262 12.09 33.77 16.18
CA ALA B 262 12.55 33.40 17.52
C ALA B 262 13.38 32.10 17.44
N LEU B 263 12.96 31.23 16.54
CA LEU B 263 13.64 29.97 16.32
C LEU B 263 14.89 30.27 15.51
N GLY B 264 16.02 29.73 15.95
CA GLY B 264 17.25 29.97 15.24
C GLY B 264 17.25 29.27 13.91
N ILE B 265 16.59 29.86 12.92
CA ILE B 265 16.54 29.27 11.60
C ILE B 265 17.89 29.57 10.95
N THR B 266 18.44 28.60 10.24
CA THR B 266 19.71 28.88 9.59
C THR B 266 19.48 28.91 8.10
N ALA B 267 18.28 28.54 7.69
CA ALA B 267 17.88 28.47 6.28
C ALA B 267 17.09 29.68 5.81
N ARG B 268 17.28 30.06 4.55
CA ARG B 268 16.56 31.20 4.00
C ARG B 268 15.14 30.73 3.77
N VAL B 269 14.35 30.85 4.83
CA VAL B 269 12.95 30.43 4.85
C VAL B 269 12.01 31.64 4.76
N LEU B 270 10.88 31.45 4.08
CA LEU B 270 9.86 32.51 3.93
C LEU B 270 9.30 32.91 5.30
N ARG B 271 8.74 34.11 5.38
CA ARG B 271 8.15 34.54 6.63
C ARG B 271 6.85 33.76 6.69
N ASN B 272 6.79 32.78 7.59
CA ASN B 272 5.60 31.95 7.76
C ASN B 272 4.51 32.60 8.59
N GLU B 273 3.69 33.36 7.89
CA GLU B 273 2.61 34.07 8.49
C GLU B 273 1.45 33.12 8.75
N HIS B 274 1.69 31.81 8.87
CA HIS B 274 0.54 30.94 9.07
C HIS B 274 0.49 29.81 10.09
N SER B 275 1.48 28.92 10.07
CA SER B 275 1.50 27.77 10.95
C SER B 275 0.83 27.90 12.31
N THR B 276 -0.01 26.93 12.66
CA THR B 276 -0.67 26.97 13.96
C THR B 276 0.25 26.39 15.01
N GLN B 277 1.42 25.89 14.63
CA GLN B 277 2.28 25.31 15.64
C GLN B 277 3.76 25.33 15.40
N ARG B 278 4.50 25.48 16.50
CA ARG B 278 5.94 25.54 16.48
C ARG B 278 6.56 24.18 16.18
N LEU B 279 6.84 23.93 14.89
CA LEU B 279 7.43 22.68 14.43
C LEU B 279 8.92 22.56 14.77
N ALA B 280 9.24 22.57 16.07
CA ALA B 280 10.62 22.48 16.56
C ALA B 280 10.75 21.48 17.71
N TYR B 281 12.00 21.14 18.02
CA TYR B 281 12.40 20.19 19.09
C TYR B 281 12.84 20.96 20.33
N ARG B 282 12.95 20.28 21.48
CA ARG B 282 13.37 21.03 22.66
C ARG B 282 14.59 20.70 23.54
N ASP B 283 14.83 19.46 23.96
CA ASP B 283 15.96 19.28 24.89
C ASP B 283 17.05 18.22 24.73
N PRO B 284 18.31 18.68 24.56
CA PRO B 284 19.40 17.71 24.42
C PRO B 284 19.93 17.37 25.83
N GLU B 285 19.90 18.38 26.72
CA GLU B 285 20.29 18.33 28.16
C GLU B 285 20.05 19.74 28.75
N THR B 286 20.15 20.73 27.87
CA THR B 286 19.96 22.15 28.18
C THR B 286 18.49 22.53 28.27
N GLY B 287 17.81 22.40 27.13
CA GLY B 287 16.42 22.77 27.01
C GLY B 287 16.38 23.89 25.99
N LYS B 288 17.24 23.75 24.98
CA LYS B 288 17.34 24.71 23.91
C LYS B 288 16.42 24.36 22.72
N TRP B 289 15.38 25.15 22.50
CA TRP B 289 14.51 24.88 21.37
C TRP B 289 15.33 25.11 20.10
N PHE B 290 15.32 24.14 19.21
CA PHE B 290 16.06 24.30 17.98
C PHE B 290 15.35 23.59 16.83
N VAL B 291 15.65 23.95 15.58
CA VAL B 291 14.99 23.27 14.45
C VAL B 291 15.91 22.27 13.78
N PRO B 292 15.57 20.98 13.90
CA PRO B 292 16.31 19.86 13.36
C PRO B 292 16.54 19.91 11.87
N TYR B 293 17.74 19.46 11.47
CA TYR B 293 18.15 19.34 10.07
C TYR B 293 17.71 17.93 9.65
N VAL B 294 17.59 17.69 8.36
CA VAL B 294 17.14 16.37 7.95
C VAL B 294 17.89 15.77 6.78
N ILE B 295 18.01 14.45 6.80
CA ILE B 295 18.63 13.75 5.69
C ILE B 295 17.40 13.09 5.13
N GLU B 296 17.21 13.20 3.82
CA GLU B 296 16.02 12.66 3.20
C GLU B 296 16.32 11.69 2.08
N PRO B 297 15.99 10.41 2.28
CA PRO B 297 16.25 9.40 1.23
C PRO B 297 14.96 9.12 0.43
N SER B 298 14.84 9.73 -0.74
CA SER B 298 13.62 9.52 -1.54
C SER B 298 13.80 8.56 -2.70
N ALA B 299 13.07 7.46 -2.69
CA ALA B 299 13.22 6.51 -3.77
C ALA B 299 11.98 6.50 -4.56
N GLY B 300 12.10 6.14 -5.82
CA GLY B 300 10.91 6.07 -6.62
C GLY B 300 10.55 4.60 -6.61
N VAL B 301 9.31 4.29 -6.24
CA VAL B 301 8.90 2.91 -6.21
C VAL B 301 8.86 2.33 -7.61
N ASP B 302 8.29 3.12 -8.53
CA ASP B 302 8.18 2.71 -9.94
C ASP B 302 9.53 2.49 -10.64
N ARG B 303 10.50 3.37 -10.37
CA ARG B 303 11.81 3.20 -10.96
C ARG B 303 12.51 2.03 -10.30
N GLY B 304 12.31 1.85 -8.99
CA GLY B 304 12.93 0.73 -8.31
C GLY B 304 12.51 -0.52 -9.05
N VAL B 305 11.27 -0.51 -9.53
CA VAL B 305 10.74 -1.66 -10.26
C VAL B 305 11.43 -1.78 -11.62
N LEU B 306 11.54 -0.66 -12.33
CA LEU B 306 12.18 -0.63 -13.64
C LEU B 306 13.58 -1.22 -13.50
N ALA B 307 14.27 -0.76 -12.46
CA ALA B 307 15.63 -1.22 -12.17
C ALA B 307 15.59 -2.73 -12.06
N LEU B 308 14.95 -3.22 -10.99
CA LEU B 308 14.81 -4.65 -10.70
C LEU B 308 14.48 -5.56 -11.88
N LEU B 309 13.63 -5.06 -12.79
CA LEU B 309 13.23 -5.81 -13.98
C LEU B 309 14.32 -5.76 -15.00
N ALA B 310 14.85 -4.56 -15.25
CA ALA B 310 15.94 -4.36 -16.20
C ALA B 310 17.07 -5.24 -15.79
N GLU B 311 17.52 -5.07 -14.55
CA GLU B 311 18.62 -5.87 -13.99
C GLU B 311 18.41 -7.39 -14.12
N ALA B 312 17.20 -7.86 -13.82
CA ALA B 312 16.90 -9.29 -13.84
C ALA B 312 16.60 -9.92 -15.18
N PHE B 313 16.00 -9.18 -16.08
CA PHE B 313 15.65 -9.72 -17.37
C PHE B 313 16.91 -10.21 -18.07
N THR B 314 17.19 -11.52 -18.02
CA THR B 314 18.36 -12.07 -18.72
C THR B 314 17.79 -12.91 -19.85
N ARG B 315 18.52 -13.13 -20.94
CA ARG B 315 17.97 -13.94 -22.03
C ARG B 315 18.93 -14.93 -22.59
N GLU B 316 19.35 -15.80 -21.72
CA GLU B 316 20.25 -16.86 -22.04
C GLU B 316 19.75 -17.72 -23.18
N GLU B 317 20.71 -18.41 -23.79
CA GLU B 317 20.48 -19.32 -24.89
C GLU B 317 20.46 -20.73 -24.34
N LEU B 318 19.59 -21.55 -24.90
CA LEU B 318 19.47 -22.88 -24.43
C LEU B 318 20.44 -23.78 -25.13
N PRO B 319 21.14 -24.59 -24.34
CA PRO B 319 22.14 -25.56 -24.81
C PRO B 319 21.51 -26.71 -25.63
N ASN B 320 20.27 -26.47 -26.09
CA ASN B 320 19.51 -27.44 -26.87
C ASN B 320 18.70 -26.60 -27.85
N GLY B 321 17.64 -25.99 -27.32
CA GLY B 321 16.79 -25.16 -28.13
C GLY B 321 17.43 -23.87 -28.58
N GLU B 322 16.59 -22.85 -28.74
CA GLU B 322 17.02 -21.53 -29.18
C GLU B 322 17.35 -20.75 -27.90
N GLU B 323 16.53 -19.76 -27.55
CA GLU B 323 16.75 -18.94 -26.35
C GLU B 323 15.50 -18.79 -25.48
N ARG B 324 15.72 -18.35 -24.26
CA ARG B 324 14.64 -18.14 -23.34
C ARG B 324 14.96 -16.83 -22.64
N ILE B 325 13.92 -16.10 -22.29
CA ILE B 325 14.07 -14.85 -21.57
C ILE B 325 13.80 -15.27 -20.13
N VAL B 326 14.70 -14.96 -19.19
CA VAL B 326 14.45 -15.34 -17.80
C VAL B 326 14.58 -14.21 -16.80
N LEU B 327 13.46 -13.79 -16.22
CA LEU B 327 13.52 -12.74 -15.22
C LEU B 327 14.18 -13.45 -14.06
N LYS B 328 15.29 -12.93 -13.57
CA LYS B 328 15.94 -13.60 -12.48
C LYS B 328 15.89 -12.68 -11.28
N LEU B 329 14.67 -12.51 -10.75
CA LEU B 329 14.41 -11.65 -9.59
C LEU B 329 14.87 -12.31 -8.30
N LYS B 330 15.24 -11.51 -7.29
CA LYS B 330 15.66 -12.08 -5.99
C LYS B 330 14.41 -12.84 -5.57
N PRO B 331 14.48 -14.18 -5.50
CA PRO B 331 13.42 -15.13 -5.14
C PRO B 331 12.38 -14.55 -4.18
N GLN B 332 12.89 -13.95 -3.10
CA GLN B 332 12.06 -13.33 -2.08
C GLN B 332 11.19 -12.19 -2.59
N LEU B 333 11.52 -11.64 -3.76
CA LEU B 333 10.76 -10.56 -4.36
C LEU B 333 9.99 -10.97 -5.63
N ALA B 334 10.02 -12.24 -6.00
CA ALA B 334 9.31 -12.70 -7.19
C ALA B 334 7.79 -12.63 -7.03
N PRO B 335 7.08 -12.33 -8.13
CA PRO B 335 5.63 -12.27 -7.93
C PRO B 335 5.09 -13.59 -7.37
N ILE B 336 5.57 -14.73 -7.86
CA ILE B 336 5.13 -15.97 -7.25
C ILE B 336 6.41 -16.64 -6.83
N LYS B 337 6.38 -17.36 -5.71
CA LYS B 337 7.55 -18.08 -5.23
C LYS B 337 7.52 -19.48 -5.84
N VAL B 338 6.43 -20.20 -5.60
CA VAL B 338 6.31 -21.55 -6.13
C VAL B 338 5.07 -21.66 -7.00
N ALA B 339 5.16 -22.37 -8.11
CA ALA B 339 4.01 -22.55 -8.98
C ALA B 339 3.78 -24.05 -9.14
N VAL B 340 2.68 -24.51 -8.59
CA VAL B 340 2.33 -25.89 -8.67
C VAL B 340 1.59 -26.18 -9.99
N ILE B 341 2.12 -27.13 -10.76
CA ILE B 341 1.55 -27.46 -12.05
C ILE B 341 1.13 -28.90 -12.28
N PRO B 342 -0.15 -29.12 -12.59
CA PRO B 342 -0.63 -30.48 -12.83
C PRO B 342 -0.21 -30.89 -14.23
N LEU B 343 0.39 -32.08 -14.34
CA LEU B 343 0.86 -32.58 -15.61
C LEU B 343 -0.21 -32.74 -16.69
N VAL B 344 -1.30 -33.46 -16.41
CA VAL B 344 -2.40 -33.59 -17.38
C VAL B 344 -3.54 -32.85 -16.73
N LYS B 345 -4.18 -31.97 -17.48
CA LYS B 345 -5.27 -31.18 -16.92
C LYS B 345 -6.52 -32.04 -16.80
N ASN B 346 -6.48 -33.21 -17.42
CA ASN B 346 -7.63 -34.10 -17.38
C ASN B 346 -7.85 -34.72 -16.00
N ARG B 347 -6.98 -35.65 -15.65
CA ARG B 347 -7.07 -36.35 -14.40
C ARG B 347 -7.37 -35.49 -13.19
N PRO B 348 -8.64 -35.48 -12.77
CA PRO B 348 -9.12 -34.70 -11.63
C PRO B 348 -8.48 -35.12 -10.33
N GLU B 349 -8.08 -36.39 -10.26
CA GLU B 349 -7.46 -36.89 -9.05
C GLU B 349 -6.10 -36.19 -8.87
N ILE B 350 -5.50 -35.83 -10.01
CA ILE B 350 -4.18 -35.16 -10.08
C ILE B 350 -4.33 -33.71 -9.67
N THR B 351 -5.18 -33.02 -10.42
CA THR B 351 -5.42 -31.61 -10.17
C THR B 351 -5.75 -31.37 -8.69
N GLU B 352 -6.67 -32.17 -8.15
CA GLU B 352 -7.10 -32.07 -6.77
C GLU B 352 -5.86 -32.16 -5.91
N TYR B 353 -5.01 -33.13 -6.19
CA TYR B 353 -3.76 -33.28 -5.45
C TYR B 353 -2.94 -31.97 -5.55
N ALA B 354 -2.87 -31.42 -6.76
CA ALA B 354 -2.15 -30.18 -7.02
C ALA B 354 -2.70 -29.03 -6.17
N LYS B 355 -3.97 -28.68 -6.40
CA LYS B 355 -4.63 -27.60 -5.65
C LYS B 355 -4.40 -27.79 -4.16
N ARG B 356 -4.39 -29.07 -3.78
CA ARG B 356 -4.20 -29.50 -2.41
C ARG B 356 -2.79 -29.16 -1.95
N LEU B 357 -1.81 -29.47 -2.78
CA LEU B 357 -0.41 -29.17 -2.43
C LEU B 357 -0.19 -27.64 -2.29
N LYS B 358 -0.73 -26.87 -3.24
CA LYS B 358 -0.60 -25.41 -3.25
C LYS B 358 -0.91 -24.87 -1.86
N ALA B 359 -1.92 -25.45 -1.27
CA ALA B 359 -2.31 -25.02 0.03
C ALA B 359 -1.16 -25.25 1.00
N ARG B 360 -0.78 -26.52 1.17
CA ARG B 360 0.29 -26.92 2.08
C ARG B 360 1.53 -26.03 2.00
N LEU B 361 1.88 -25.62 0.78
CA LEU B 361 3.06 -24.80 0.57
C LEU B 361 2.79 -23.35 0.92
N LEU B 362 1.62 -22.85 0.59
CA LEU B 362 1.32 -21.46 0.92
C LEU B 362 1.52 -21.31 2.42
N ALA B 363 1.10 -22.34 3.13
CA ALA B 363 1.17 -22.41 4.58
C ALA B 363 2.56 -22.18 5.17
N LEU B 364 3.60 -22.63 4.47
CA LEU B 364 4.98 -22.46 4.95
C LEU B 364 5.21 -20.96 5.18
N GLY B 365 4.52 -20.14 4.37
CA GLY B 365 4.62 -18.70 4.50
C GLY B 365 5.87 -18.12 3.88
N LEU B 366 6.33 -18.81 2.83
CA LEU B 366 7.54 -18.39 2.13
C LEU B 366 7.16 -17.35 1.07
N GLY B 367 5.84 -17.19 0.90
CA GLY B 367 5.33 -16.25 -0.08
C GLY B 367 4.23 -16.88 -0.91
N ARG B 368 3.75 -16.13 -1.89
CA ARG B 368 2.68 -16.59 -2.76
C ARG B 368 3.01 -17.89 -3.50
N VAL B 369 2.06 -18.79 -3.51
CA VAL B 369 2.23 -20.03 -4.21
C VAL B 369 1.13 -19.94 -5.26
N LEU B 370 1.32 -20.57 -6.41
CA LEU B 370 0.33 -20.49 -7.45
C LEU B 370 -0.01 -21.86 -8.00
N TYR B 371 -1.30 -22.11 -8.20
CA TYR B 371 -1.77 -23.36 -8.77
C TYR B 371 -1.97 -23.10 -10.26
N GLU B 372 -0.88 -23.11 -11.01
CA GLU B 372 -0.96 -22.88 -12.44
C GLU B 372 -1.59 -24.07 -13.14
N ASP B 373 -2.74 -23.89 -13.76
CA ASP B 373 -3.32 -25.02 -14.48
C ASP B 373 -3.39 -24.86 -16.01
N THR B 374 -2.58 -23.95 -16.54
CA THR B 374 -2.53 -23.64 -17.98
C THR B 374 -1.83 -24.64 -18.89
N GLY B 375 -2.60 -25.07 -19.89
CA GLY B 375 -2.19 -26.02 -20.90
C GLY B 375 -0.81 -26.64 -20.85
N ASN B 376 -0.14 -26.54 -21.98
CA ASN B 376 1.20 -27.07 -22.18
C ASN B 376 2.19 -26.77 -21.03
N ILE B 377 2.71 -27.81 -20.37
CA ILE B 377 3.65 -27.60 -19.27
C ILE B 377 4.87 -26.85 -19.77
N GLY B 378 5.22 -27.09 -21.04
CA GLY B 378 6.35 -26.41 -21.64
C GLY B 378 6.02 -24.95 -21.58
N LYS B 379 4.75 -24.66 -21.87
CA LYS B 379 4.19 -23.30 -21.86
C LYS B 379 4.15 -22.74 -20.43
N ALA B 380 3.69 -23.57 -19.49
CA ALA B 380 3.60 -23.15 -18.10
C ALA B 380 5.00 -22.79 -17.62
N TYR B 381 5.94 -23.73 -17.76
CA TYR B 381 7.33 -23.55 -17.37
C TYR B 381 7.86 -22.21 -17.89
N ARG B 382 7.73 -22.00 -19.20
CA ARG B 382 8.21 -20.77 -19.76
C ARG B 382 7.56 -19.54 -19.13
N ARG B 383 6.23 -19.48 -19.20
CA ARG B 383 5.46 -18.35 -18.65
C ARG B 383 6.11 -17.93 -17.36
N HIS B 384 6.45 -18.95 -16.58
CA HIS B 384 7.07 -18.71 -15.31
C HIS B 384 8.44 -18.10 -15.30
N ASP B 385 9.30 -18.53 -16.20
CA ASP B 385 10.59 -17.91 -16.16
C ASP B 385 10.43 -16.50 -16.61
N GLU B 386 9.44 -16.27 -17.47
CA GLU B 386 9.28 -14.92 -17.97
C GLU B 386 8.89 -13.99 -16.87
N VAL B 387 8.19 -14.52 -15.88
CA VAL B 387 7.76 -13.69 -14.75
C VAL B 387 8.67 -13.93 -13.56
N GLY B 388 9.76 -14.62 -13.83
CA GLY B 388 10.74 -14.91 -12.81
C GLY B 388 10.35 -15.55 -11.50
N THR B 389 9.54 -16.60 -11.52
CA THR B 389 9.16 -17.26 -10.27
C THR B 389 10.21 -18.35 -10.00
N PRO B 390 10.82 -18.35 -8.81
CA PRO B 390 11.85 -19.33 -8.46
C PRO B 390 11.67 -20.82 -8.54
N PHE B 391 10.51 -21.36 -8.23
CA PHE B 391 10.41 -22.80 -8.32
C PHE B 391 9.09 -23.28 -8.85
N ALA B 392 9.15 -24.22 -9.79
CA ALA B 392 7.96 -24.79 -10.41
C ALA B 392 7.82 -26.26 -10.03
N VAL B 393 6.95 -26.54 -9.07
CA VAL B 393 6.72 -27.91 -8.64
C VAL B 393 5.64 -28.50 -9.53
N THR B 394 5.91 -29.63 -10.18
CA THR B 394 4.91 -30.28 -11.06
C THR B 394 4.45 -31.69 -10.61
N VAL B 395 3.14 -31.91 -10.69
CA VAL B 395 2.54 -33.18 -10.27
C VAL B 395 2.03 -33.95 -11.44
N ASP B 396 2.50 -35.19 -11.51
CA ASP B 396 2.12 -36.11 -12.57
C ASP B 396 1.39 -37.22 -11.89
N TYR B 397 1.06 -38.26 -12.67
CA TYR B 397 0.36 -39.45 -12.18
C TYR B 397 1.14 -40.10 -11.02
N ASP B 398 2.38 -40.47 -11.29
CA ASP B 398 3.20 -41.16 -10.31
C ASP B 398 3.07 -40.60 -8.91
N THR B 399 3.04 -39.27 -8.81
CA THR B 399 2.90 -38.61 -7.52
C THR B 399 1.65 -39.13 -6.79
N ILE B 400 0.50 -39.08 -7.45
CA ILE B 400 -0.75 -39.53 -6.86
C ILE B 400 -0.77 -41.03 -6.54
N GLY B 401 -0.06 -41.84 -7.34
CA GLY B 401 0.00 -43.28 -7.14
C GLY B 401 0.13 -44.05 -8.45
N GLN B 402 -0.78 -43.79 -9.39
CA GLN B 402 -0.83 -44.43 -10.71
C GLN B 402 0.51 -44.29 -11.45
N SER B 403 0.68 -45.06 -12.51
CA SER B 403 1.89 -45.03 -13.35
C SER B 403 1.76 -46.16 -14.38
N LYS B 404 2.69 -46.23 -15.33
CA LYS B 404 2.66 -47.28 -16.37
C LYS B 404 3.36 -48.52 -15.84
N ASP B 405 4.52 -48.30 -15.24
CA ASP B 405 5.34 -49.36 -14.68
C ASP B 405 4.69 -50.12 -13.52
N GLY B 406 3.54 -49.62 -13.07
CA GLY B 406 2.84 -50.25 -11.97
C GLY B 406 3.56 -49.93 -10.67
N THR B 407 4.31 -48.84 -10.67
CA THR B 407 5.08 -48.39 -9.50
C THR B 407 4.39 -47.30 -8.73
N THR B 408 4.34 -47.47 -7.41
CA THR B 408 3.73 -46.47 -6.54
C THR B 408 4.77 -45.89 -5.61
N ARG B 409 6.05 -46.16 -5.90
CA ARG B 409 7.10 -45.62 -5.07
C ARG B 409 7.29 -44.18 -5.46
N LEU B 410 7.01 -43.86 -6.71
CA LEU B 410 7.17 -42.47 -7.11
C LEU B 410 6.09 -41.60 -6.44
N LYS B 411 5.07 -42.23 -5.85
CA LYS B 411 3.99 -41.47 -5.19
C LYS B 411 4.41 -40.60 -4.01
N ASP B 412 3.88 -39.37 -4.01
CA ASP B 412 4.13 -38.30 -3.01
C ASP B 412 5.48 -37.63 -3.16
N THR B 413 6.09 -37.82 -4.32
CA THR B 413 7.36 -37.20 -4.66
C THR B 413 7.05 -36.42 -5.95
N VAL B 414 7.45 -35.15 -5.98
CA VAL B 414 7.17 -34.33 -7.15
C VAL B 414 8.45 -33.78 -7.74
N THR B 415 8.34 -33.34 -8.98
CA THR B 415 9.49 -32.78 -9.69
C THR B 415 9.52 -31.24 -9.51
N VAL B 416 10.66 -30.72 -9.03
CA VAL B 416 10.84 -29.30 -8.78
C VAL B 416 11.89 -28.68 -9.70
N ARG B 417 11.43 -28.06 -10.78
CA ARG B 417 12.30 -27.44 -11.74
C ARG B 417 12.68 -26.04 -11.33
N ASP B 418 13.99 -25.83 -11.23
CA ASP B 418 14.61 -24.57 -10.81
C ASP B 418 14.85 -23.58 -11.97
N ARG B 419 14.32 -22.38 -11.78
CA ARG B 419 14.41 -21.29 -12.74
C ARG B 419 15.76 -21.14 -13.46
N ASP B 420 16.73 -20.57 -12.75
CA ASP B 420 18.06 -20.31 -13.28
C ASP B 420 18.80 -21.53 -13.90
N THR B 421 18.89 -22.64 -13.15
CA THR B 421 19.62 -23.81 -13.65
C THR B 421 18.75 -24.72 -14.47
N MET B 422 17.46 -24.45 -14.46
CA MET B 422 16.54 -25.26 -15.25
C MET B 422 16.66 -26.73 -14.89
N GLU B 423 17.37 -26.99 -13.81
CA GLU B 423 17.60 -28.32 -13.27
C GLU B 423 16.30 -28.88 -12.70
N GLN B 424 16.06 -30.17 -12.87
CA GLN B 424 14.82 -30.81 -12.34
C GLN B 424 15.04 -31.92 -11.32
N ILE B 425 14.97 -31.57 -10.04
CA ILE B 425 15.11 -32.57 -8.98
C ILE B 425 13.72 -33.20 -8.87
N ARG B 426 13.63 -34.38 -8.28
CA ARG B 426 12.33 -35.02 -8.06
C ARG B 426 12.36 -35.35 -6.57
N LEU B 427 11.75 -34.49 -5.76
CA LEU B 427 11.76 -34.76 -4.33
C LEU B 427 10.38 -35.01 -3.70
N HIS B 428 10.39 -35.83 -2.65
CA HIS B 428 9.15 -36.16 -1.95
C HIS B 428 8.65 -34.96 -1.24
N VAL B 429 7.35 -34.80 -1.35
CA VAL B 429 6.61 -33.72 -0.74
C VAL B 429 7.19 -33.15 0.57
N ASP B 430 7.35 -34.00 1.58
CA ASP B 430 7.86 -33.55 2.88
C ASP B 430 9.21 -32.81 2.79
N GLU B 431 10.01 -33.19 1.80
CA GLU B 431 11.31 -32.58 1.60
C GLU B 431 11.16 -31.20 0.98
N LEU B 432 10.12 -31.07 0.17
CA LEU B 432 9.81 -29.82 -0.55
C LEU B 432 9.65 -28.66 0.44
N GLU B 433 9.23 -28.98 1.66
CA GLU B 433 9.02 -27.94 2.67
C GLU B 433 10.37 -27.40 3.03
N GLY B 434 11.19 -28.28 3.59
CA GLY B 434 12.54 -27.89 4.00
C GLY B 434 13.35 -27.19 2.92
N PHE B 435 13.26 -27.74 1.70
CA PHE B 435 13.93 -27.23 0.50
C PHE B 435 13.65 -25.73 0.33
N LEU B 436 12.38 -25.39 0.12
CA LEU B 436 11.97 -24.01 -0.06
C LEU B 436 12.33 -23.19 1.14
N ARG B 437 12.16 -23.76 2.32
CA ARG B 437 12.46 -23.03 3.54
C ARG B 437 13.88 -22.46 3.47
N GLU B 438 14.77 -23.20 2.81
CA GLU B 438 16.15 -22.77 2.71
C GLU B 438 16.34 -21.66 1.71
N ARG B 439 15.62 -21.73 0.61
CA ARG B 439 15.78 -20.70 -0.38
C ARG B 439 14.97 -19.41 -0.21
N LEU B 440 13.63 -19.52 -0.27
CA LEU B 440 12.73 -18.36 -0.16
C LEU B 440 12.68 -17.54 1.13
N ARG B 441 13.39 -17.99 2.16
CA ARG B 441 13.39 -17.26 3.39
C ARG B 441 14.44 -16.20 3.32
N TRP B 442 13.99 -15.00 3.72
CA TRP B 442 14.85 -13.85 3.77
C TRP B 442 16.09 -14.00 4.63
#